data_1HDX
#
_entry.id   1HDX
#
_cell.length_a   54.580
_cell.length_b   44.940
_cell.length_c   94.300
_cell.angle_alpha   92.29
_cell.angle_beta   103.37
_cell.angle_gamma   68.97
#
_symmetry.space_group_name_H-M   'P 1'
#
loop_
_entity.id
_entity.type
_entity.pdbx_description
1 polymer 'ALCOHOL DEHYDROGENASE'
2 non-polymer 'ZINC ION'
3 non-polymer NICOTINAMIDE-ADENINE-DINUCLEOTIDE
4 non-polymer CYCLOHEXANOL
5 non-polymer 'CHLORIDE ION'
6 water water
#
_entity_poly.entity_id   1
_entity_poly.type   'polypeptide(L)'
_entity_poly.pdbx_seq_one_letter_code
;STAGKVIKCKAAVLWEVKKPFSIEDVEVAPPKAYEVRIKMVAVGICRTDDHVVSGNLVTPLPVILGHEAAGIVESVGEGV
TTVKPGDKVIPLFTPQCGKCRVCKNPESNYCLKNDLGNPRGTLQDGTRRFTCRGKPIHHFLGTSTFSQYTVVDENAVAKI
DAASPLEKVCLIGCGFSTGYGSAVNVAKVTPGSTCAVFGLGGVGLSAVMGCKAAGAARIIAVDINKDKFAKAKELGATEC
INPQDYKKPIQEVLKEMTDGGVDFSFEVIGRLDTMMASLLCCHEACGTSVIVGVPPASQNLSINPMLLLTGRTWKGAVYG
GFKSKEGIPKLVADFMAKKFSLDALITHVLPFEKINEGFDLLHSGKSIRTVLTF
;
_entity_poly.pdbx_strand_id   A,B
#
# COMPACT_ATOMS: atom_id res chain seq x y z
N SER A 1 -31.71 29.81 31.15
CA SER A 1 -31.13 28.48 31.11
C SER A 1 -29.65 28.85 31.06
N THR A 2 -28.80 28.25 30.23
CA THR A 2 -27.40 28.65 30.17
C THR A 2 -27.11 29.26 28.81
N ALA A 3 -28.04 29.12 27.88
CA ALA A 3 -27.85 29.59 26.54
C ALA A 3 -27.45 31.05 26.46
N GLY A 4 -26.51 31.37 25.57
CA GLY A 4 -26.04 32.74 25.39
C GLY A 4 -25.11 33.23 26.48
N LYS A 5 -24.98 32.48 27.57
CA LYS A 5 -24.15 32.94 28.67
C LYS A 5 -22.91 32.08 28.76
N VAL A 6 -21.82 32.62 29.29
CA VAL A 6 -20.59 31.92 29.50
C VAL A 6 -20.80 30.91 30.62
N ILE A 7 -20.38 29.65 30.48
CA ILE A 7 -20.55 28.68 31.55
C ILE A 7 -19.25 28.64 32.30
N LYS A 8 -19.27 28.25 33.57
CA LYS A 8 -18.07 28.10 34.37
C LYS A 8 -18.25 26.66 34.84
N CYS A 9 -17.29 25.74 34.61
CA CYS A 9 -17.42 24.34 35.01
C CYS A 9 -16.06 23.79 35.38
N LYS A 10 -16.01 22.47 35.60
CA LYS A 10 -14.76 21.78 35.92
C LYS A 10 -14.23 21.14 34.61
N ALA A 11 -12.91 20.99 34.49
CA ALA A 11 -12.28 20.39 33.31
C ALA A 11 -10.91 19.91 33.69
N ALA A 12 -10.37 18.88 33.03
CA ALA A 12 -9.02 18.40 33.34
C ALA A 12 -8.09 19.12 32.37
N VAL A 13 -7.08 19.81 32.91
CA VAL A 13 -6.15 20.56 32.08
C VAL A 13 -4.75 19.96 32.24
N LEU A 14 -4.03 19.87 31.12
CA LEU A 14 -2.65 19.38 31.13
C LEU A 14 -1.89 20.68 30.82
N TRP A 15 -1.18 21.08 31.86
CA TRP A 15 -0.40 22.29 31.79
C TRP A 15 0.96 21.96 31.22
N GLU A 16 1.52 20.79 31.54
CA GLU A 16 2.84 20.40 31.09
C GLU A 16 2.84 18.93 30.71
N VAL A 17 3.84 18.55 29.91
CA VAL A 17 4.03 17.18 29.47
C VAL A 17 4.54 16.40 30.68
N LYS A 18 4.16 15.13 30.74
CA LYS A 18 4.52 14.20 31.80
C LYS A 18 4.11 14.68 33.21
N LYS A 19 3.04 15.47 33.28
CA LYS A 19 2.50 15.99 34.54
C LYS A 19 1.10 15.44 34.67
N PRO A 20 0.51 15.32 35.89
CA PRO A 20 -0.85 14.85 36.03
C PRO A 20 -1.83 15.91 35.56
N PHE A 21 -3.02 15.44 35.26
CA PHE A 21 -4.11 16.33 34.88
C PHE A 21 -4.60 17.13 36.10
N SER A 22 -4.95 18.41 35.96
CA SER A 22 -5.48 19.18 37.08
C SER A 22 -6.94 19.48 36.83
N ILE A 23 -7.86 19.06 37.72
CA ILE A 23 -9.26 19.36 37.46
C ILE A 23 -9.40 20.77 38.01
N GLU A 24 -9.77 21.69 37.15
CA GLU A 24 -9.86 23.09 37.48
C GLU A 24 -11.11 23.69 36.93
N ASP A 25 -11.47 24.89 37.40
CA ASP A 25 -12.65 25.58 36.92
C ASP A 25 -12.24 26.43 35.75
N VAL A 26 -13.03 26.36 34.71
CA VAL A 26 -12.73 27.06 33.50
C VAL A 26 -14.02 27.69 33.04
N GLU A 27 -13.90 28.66 32.13
CA GLU A 27 -15.05 29.35 31.58
C GLU A 27 -15.03 28.89 30.13
N VAL A 28 -16.24 28.55 29.68
CA VAL A 28 -16.52 28.01 28.38
C VAL A 28 -17.43 29.04 27.73
N ALA A 29 -16.91 29.77 26.77
CA ALA A 29 -17.67 30.76 26.03
C ALA A 29 -18.84 30.14 25.30
N PRO A 30 -19.81 30.89 24.78
CA PRO A 30 -20.93 30.32 24.02
C PRO A 30 -20.67 29.98 22.55
N PRO A 31 -21.53 29.20 21.88
CA PRO A 31 -21.31 28.85 20.50
C PRO A 31 -21.48 29.97 19.49
N LYS A 32 -20.43 30.24 18.71
CA LYS A 32 -20.56 31.24 17.66
C LYS A 32 -21.36 30.56 16.57
N ALA A 33 -21.54 31.16 15.40
CA ALA A 33 -22.30 30.53 14.32
C ALA A 33 -21.74 29.16 13.92
N TYR A 34 -22.62 28.26 13.48
CA TYR A 34 -22.25 26.91 13.08
C TYR A 34 -21.45 26.11 14.11
N GLU A 35 -21.54 26.39 15.41
CA GLU A 35 -20.89 25.61 16.47
C GLU A 35 -21.99 25.15 17.41
N VAL A 36 -21.71 24.19 18.29
CA VAL A 36 -22.66 23.54 19.17
C VAL A 36 -22.03 23.43 20.56
N ARG A 37 -22.70 23.76 21.72
CA ARG A 37 -22.08 23.52 23.03
C ARG A 37 -22.77 22.24 23.49
N ILE A 38 -22.05 21.32 24.08
CA ILE A 38 -22.51 19.99 24.44
C ILE A 38 -22.21 19.76 25.91
N LYS A 39 -23.05 18.99 26.57
CA LYS A 39 -22.88 18.64 27.97
C LYS A 39 -22.48 17.16 27.95
N MET A 40 -21.28 16.88 28.42
CA MET A 40 -20.74 15.54 28.41
C MET A 40 -21.33 14.58 29.40
N VAL A 41 -21.82 13.43 28.98
CA VAL A 41 -22.37 12.43 29.90
C VAL A 41 -21.30 11.36 30.14
N ALA A 42 -20.46 10.95 29.16
CA ALA A 42 -19.40 9.92 29.29
C ALA A 42 -18.25 10.04 28.29
N VAL A 43 -17.01 9.76 28.72
CA VAL A 43 -15.83 9.79 27.87
C VAL A 43 -14.94 8.56 28.05
N GLY A 44 -14.41 7.96 26.96
CA GLY A 44 -13.52 6.82 27.10
C GLY A 44 -12.06 7.26 27.22
N ILE A 45 -11.12 6.57 27.85
CA ILE A 45 -9.72 7.04 27.84
C ILE A 45 -8.95 6.34 26.69
N CYS A 46 -8.62 7.00 25.56
CA CYS A 46 -7.88 6.37 24.47
C CYS A 46 -6.37 6.65 24.55
N ARG A 47 -5.50 5.80 23.98
CA ARG A 47 -4.04 6.00 24.07
C ARG A 47 -3.49 7.23 23.30
N THR A 48 -4.21 7.76 22.29
CA THR A 48 -3.83 8.98 21.57
C THR A 48 -3.67 10.09 22.62
N ASP A 49 -4.62 10.21 23.61
CA ASP A 49 -4.57 11.23 24.69
C ASP A 49 -3.34 11.01 25.57
N ASP A 50 -2.94 9.77 25.75
CA ASP A 50 -1.76 9.47 26.52
C ASP A 50 -0.53 9.91 25.75
N HIS A 51 -0.56 9.75 24.42
CA HIS A 51 0.56 10.15 23.56
C HIS A 51 0.91 11.63 23.77
N VAL A 52 -0.03 12.48 24.15
CA VAL A 52 0.26 13.89 24.40
C VAL A 52 0.89 14.05 25.77
N VAL A 53 0.48 13.28 26.79
CA VAL A 53 1.07 13.38 28.13
C VAL A 53 2.54 12.98 27.97
N SER A 54 2.76 11.76 27.47
CA SER A 54 4.07 11.18 27.24
C SER A 54 5.01 11.99 26.37
N GLY A 55 4.50 12.74 25.40
CA GLY A 55 5.34 13.58 24.56
C GLY A 55 5.63 12.95 23.21
N ASN A 56 4.80 12.01 22.76
CA ASN A 56 5.01 11.37 21.47
C ASN A 56 4.32 12.10 20.35
N LEU A 57 3.24 12.82 20.66
CA LEU A 57 2.44 13.52 19.67
C LEU A 57 2.49 14.94 20.19
N VAL A 58 2.84 15.83 19.30
CA VAL A 58 3.00 17.21 19.63
C VAL A 58 1.70 17.96 19.33
N THR A 59 1.27 18.79 20.27
CA THR A 59 0.10 19.65 20.18
C THR A 59 0.44 20.80 21.13
N PRO A 60 -0.02 22.03 20.84
CA PRO A 60 0.21 23.17 21.71
C PRO A 60 -0.53 23.04 23.03
N LEU A 61 0.24 23.26 24.08
CA LEU A 61 -0.21 23.23 25.46
C LEU A 61 -0.53 24.65 25.95
N PRO A 62 -1.24 24.96 27.06
CA PRO A 62 -2.01 24.04 27.92
C PRO A 62 -3.17 23.57 27.07
N VAL A 63 -3.79 22.44 27.40
CA VAL A 63 -4.85 21.93 26.52
C VAL A 63 -5.84 21.09 27.28
N ILE A 64 -7.02 20.88 26.75
CA ILE A 64 -8.00 19.98 27.35
C ILE A 64 -8.09 18.89 26.26
N LEU A 65 -7.59 17.71 26.63
CA LEU A 65 -7.58 16.55 25.75
C LEU A 65 -8.93 15.85 25.77
N GLY A 66 -9.09 14.74 25.04
CA GLY A 66 -10.31 13.95 25.06
C GLY A 66 -11.01 14.00 23.76
N HIS A 67 -11.48 12.86 23.29
CA HIS A 67 -12.14 12.88 21.99
C HIS A 67 -13.08 11.73 21.70
N GLU A 68 -13.18 10.77 22.64
CA GLU A 68 -14.07 9.62 22.45
C GLU A 68 -15.16 9.88 23.47
N ALA A 69 -16.31 10.40 23.05
CA ALA A 69 -17.35 10.78 23.98
C ALA A 69 -18.73 10.87 23.38
N ALA A 70 -19.67 10.99 24.31
CA ALA A 70 -21.09 11.10 24.01
C ALA A 70 -21.72 12.09 25.01
N GLY A 71 -22.68 12.90 24.57
CA GLY A 71 -23.30 13.90 25.46
C GLY A 71 -24.57 14.49 24.89
N ILE A 72 -25.12 15.54 25.54
CA ILE A 72 -26.36 16.14 25.09
C ILE A 72 -26.15 17.59 24.64
N VAL A 73 -26.81 17.98 23.56
CA VAL A 73 -26.75 19.34 23.00
C VAL A 73 -27.40 20.34 23.95
N GLU A 74 -26.57 21.25 24.46
CA GLU A 74 -26.94 22.31 25.36
C GLU A 74 -27.41 23.48 24.49
N SER A 75 -26.65 24.00 23.52
CA SER A 75 -27.14 25.10 22.68
C SER A 75 -26.49 24.98 21.31
N VAL A 76 -27.03 25.71 20.33
CA VAL A 76 -26.53 25.73 18.97
C VAL A 76 -26.30 27.19 18.60
N GLY A 77 -25.31 27.47 17.75
CA GLY A 77 -25.03 28.81 17.32
C GLY A 77 -25.99 29.18 16.21
N GLU A 78 -25.77 30.36 15.66
CA GLU A 78 -26.60 30.84 14.55
C GLU A 78 -26.29 29.95 13.33
N GLY A 79 -27.32 29.47 12.64
CA GLY A 79 -27.10 28.68 11.43
C GLY A 79 -27.07 27.16 11.55
N VAL A 80 -26.76 26.60 12.73
CA VAL A 80 -26.69 25.16 12.92
C VAL A 80 -28.02 24.50 12.58
N THR A 81 -28.11 23.79 11.49
CA THR A 81 -29.33 23.13 11.08
C THR A 81 -29.38 21.65 11.40
N THR A 82 -28.23 21.02 11.55
CA THR A 82 -28.21 19.59 11.71
C THR A 82 -28.60 19.03 13.05
N VAL A 83 -28.60 19.85 14.11
CA VAL A 83 -28.95 19.37 15.44
C VAL A 83 -29.66 20.49 16.24
N LYS A 84 -30.50 20.10 17.19
CA LYS A 84 -31.29 20.97 18.06
C LYS A 84 -30.94 20.70 19.53
N PRO A 85 -31.06 21.63 20.50
CA PRO A 85 -30.82 21.38 21.93
C PRO A 85 -31.56 20.13 22.39
N GLY A 86 -31.12 19.39 23.38
CA GLY A 86 -31.84 18.17 23.74
C GLY A 86 -31.38 16.95 22.96
N ASP A 87 -30.80 17.07 21.76
CA ASP A 87 -30.32 15.89 21.03
C ASP A 87 -29.04 15.24 21.58
N LYS A 88 -29.01 13.91 21.54
CA LYS A 88 -27.89 13.08 21.96
C LYS A 88 -26.93 13.13 20.78
N VAL A 89 -25.64 13.33 21.02
CA VAL A 89 -24.68 13.45 19.94
C VAL A 89 -23.31 12.93 20.30
N ILE A 90 -22.57 12.51 19.27
CA ILE A 90 -21.18 12.09 19.45
C ILE A 90 -20.27 13.12 18.75
N PRO A 91 -19.32 13.74 19.45
CA PRO A 91 -18.32 14.61 18.84
C PRO A 91 -17.31 13.73 18.06
N LEU A 92 -17.07 14.12 16.80
CA LEU A 92 -16.18 13.43 15.86
C LEU A 92 -14.75 13.99 15.79
N PHE A 93 -13.59 13.29 16.01
CA PHE A 93 -12.27 13.92 15.89
C PHE A 93 -11.73 14.19 14.48
N THR A 94 -12.51 13.89 13.42
CA THR A 94 -12.14 14.21 12.07
C THR A 94 -13.45 14.75 11.49
N PRO A 95 -13.49 16.03 11.12
CA PRO A 95 -14.66 16.70 10.55
C PRO A 95 -15.14 16.18 9.21
N GLN A 96 -16.41 16.27 8.86
CA GLN A 96 -16.79 15.88 7.54
C GLN A 96 -17.39 17.18 7.03
N CYS A 97 -16.53 18.15 6.61
CA CYS A 97 -16.99 19.44 6.08
C CYS A 97 -17.94 19.33 4.89
N GLY A 98 -17.86 18.24 4.11
CA GLY A 98 -18.73 17.98 2.96
C GLY A 98 -18.37 18.77 1.71
N LYS A 99 -17.37 19.64 1.72
CA LYS A 99 -17.06 20.41 0.54
C LYS A 99 -15.65 20.30 -0.02
N CYS A 100 -14.71 19.67 0.68
CA CYS A 100 -13.37 19.59 0.15
C CYS A 100 -13.20 18.39 -0.76
N ARG A 101 -12.05 18.36 -1.48
CA ARG A 101 -11.61 17.28 -2.39
C ARG A 101 -11.83 15.93 -1.71
N VAL A 102 -11.30 15.84 -0.49
CA VAL A 102 -11.38 14.62 0.30
C VAL A 102 -12.80 14.19 0.58
N CYS A 103 -13.61 15.09 1.13
CA CYS A 103 -15.01 14.85 1.40
C CYS A 103 -15.80 14.45 0.15
N LYS A 104 -15.47 14.97 -1.04
CA LYS A 104 -16.24 14.59 -2.22
C LYS A 104 -15.78 13.26 -2.78
N ASN A 105 -14.58 12.78 -2.49
CA ASN A 105 -14.18 11.48 -3.02
C ASN A 105 -14.92 10.41 -2.22
N PRO A 106 -15.76 9.53 -2.77
CA PRO A 106 -16.49 8.50 -2.05
C PRO A 106 -15.69 7.57 -1.17
N GLU A 107 -14.40 7.49 -1.44
CA GLU A 107 -13.52 6.65 -0.67
C GLU A 107 -12.53 7.41 0.20
N SER A 108 -12.58 8.72 0.48
CA SER A 108 -11.58 9.30 1.35
C SER A 108 -12.26 9.87 2.58
N ASN A 109 -11.57 9.95 3.72
CA ASN A 109 -12.24 10.43 4.92
C ASN A 109 -11.42 11.44 5.72
N TYR A 110 -10.13 11.61 5.49
CA TYR A 110 -9.30 12.57 6.23
C TYR A 110 -9.51 14.00 5.68
N CYS A 111 -10.69 14.55 5.99
CA CYS A 111 -11.10 15.88 5.54
C CYS A 111 -10.10 16.96 5.82
N LEU A 112 -10.07 17.93 4.92
CA LEU A 112 -9.13 19.04 5.01
C LEU A 112 -9.33 20.03 6.15
N LYS A 113 -10.50 20.01 6.83
CA LYS A 113 -10.76 20.89 7.96
C LYS A 113 -10.31 20.24 9.25
N ASN A 114 -9.59 19.10 9.19
CA ASN A 114 -9.10 18.38 10.37
C ASN A 114 -8.00 19.19 11.06
N ASP A 115 -7.56 18.82 12.27
CA ASP A 115 -6.48 19.49 13.02
C ASP A 115 -5.51 18.42 13.56
N LEU A 116 -5.59 17.28 12.88
CA LEU A 116 -4.79 16.10 13.15
C LEU A 116 -3.40 16.26 12.57
N GLY A 117 -3.33 16.68 11.31
CA GLY A 117 -2.05 16.80 10.61
C GLY A 117 -1.08 17.76 11.23
N ASN A 118 -1.46 19.03 11.18
CA ASN A 118 -0.63 20.05 11.77
C ASN A 118 -1.48 20.81 12.76
N PRO A 119 -1.40 20.37 14.01
CA PRO A 119 -2.23 20.86 15.08
C PRO A 119 -2.06 22.30 15.55
N ARG A 120 -3.13 23.08 15.30
CA ARG A 120 -3.23 24.47 15.74
C ARG A 120 -3.75 24.47 17.18
N GLY A 121 -4.76 23.67 17.51
CA GLY A 121 -5.27 23.67 18.88
C GLY A 121 -6.40 24.66 19.09
N THR A 122 -7.16 24.97 18.05
CA THR A 122 -8.25 25.88 18.07
C THR A 122 -9.42 25.08 17.46
N LEU A 123 -10.46 25.84 17.11
CA LEU A 123 -11.61 25.33 16.42
C LEU A 123 -11.33 25.74 14.97
N GLN A 124 -12.27 25.41 14.06
CA GLN A 124 -12.15 25.71 12.65
C GLN A 124 -12.13 27.17 12.29
N ASP A 125 -12.30 28.12 13.20
CA ASP A 125 -12.21 29.51 12.78
C ASP A 125 -10.91 30.09 13.29
N GLY A 126 -10.04 29.29 13.91
CA GLY A 126 -8.79 29.81 14.39
C GLY A 126 -8.82 30.34 15.81
N THR A 127 -9.96 30.32 16.50
CA THR A 127 -10.03 30.81 17.88
C THR A 127 -10.40 29.72 18.90
N ARG A 128 -10.01 29.93 20.15
CA ARG A 128 -10.26 29.04 21.28
C ARG A 128 -11.53 29.45 22.04
N ARG A 129 -12.02 28.72 23.05
CA ARG A 129 -13.25 29.06 23.76
C ARG A 129 -13.11 28.67 25.24
N PHE A 130 -11.91 28.43 25.77
CA PHE A 130 -11.81 28.00 27.15
C PHE A 130 -10.83 28.97 27.76
N THR A 131 -11.11 29.43 28.98
CA THR A 131 -10.24 30.34 29.70
C THR A 131 -10.10 29.65 31.07
N CYS A 132 -8.97 29.80 31.76
CA CYS A 132 -8.76 29.21 33.05
C CYS A 132 -7.66 30.08 33.61
N ARG A 133 -7.96 30.75 34.73
CA ARG A 133 -7.07 31.68 35.42
C ARG A 133 -6.68 32.83 34.49
N GLY A 134 -7.57 33.31 33.61
CA GLY A 134 -7.21 34.40 32.72
C GLY A 134 -6.44 33.89 31.48
N LYS A 135 -5.75 32.75 31.57
CA LYS A 135 -5.02 32.16 30.47
C LYS A 135 -5.93 31.48 29.45
N PRO A 136 -5.78 31.73 28.14
CA PRO A 136 -6.52 31.02 27.08
C PRO A 136 -6.04 29.56 27.01
N ILE A 137 -7.02 28.64 26.95
CA ILE A 137 -6.76 27.22 26.91
C ILE A 137 -7.15 26.73 25.52
N HIS A 138 -6.22 25.85 25.10
CA HIS A 138 -6.26 25.20 23.80
C HIS A 138 -7.18 23.99 23.76
N HIS A 139 -7.70 23.79 22.54
CA HIS A 139 -8.55 22.66 22.20
C HIS A 139 -7.65 21.51 21.67
N PHE A 140 -8.27 20.35 21.47
CA PHE A 140 -7.62 19.15 21.01
C PHE A 140 -8.51 18.44 20.04
N LEU A 141 -8.01 18.39 18.81
CA LEU A 141 -8.65 17.80 17.67
C LEU A 141 -10.02 18.41 17.41
N GLY A 142 -10.28 19.58 18.03
CA GLY A 142 -11.53 20.33 17.96
C GLY A 142 -12.59 19.64 18.74
N THR A 143 -12.23 18.81 19.74
CA THR A 143 -13.29 18.19 20.51
C THR A 143 -13.10 18.44 22.02
N SER A 144 -11.91 18.27 22.60
CA SER A 144 -11.66 18.50 24.03
C SER A 144 -12.76 18.02 25.01
N THR A 145 -13.13 16.75 25.01
CA THR A 145 -14.19 16.24 25.87
C THR A 145 -13.78 16.00 27.32
N PHE A 146 -12.60 16.35 27.83
CA PHE A 146 -12.35 16.14 29.25
C PHE A 146 -12.80 17.42 30.02
N SER A 147 -14.01 17.87 29.77
CA SER A 147 -14.56 19.07 30.35
C SER A 147 -16.03 18.76 30.47
N GLN A 148 -16.69 19.41 31.45
CA GLN A 148 -18.12 19.21 31.59
C GLN A 148 -18.90 19.81 30.41
N TYR A 149 -18.37 20.79 29.66
CA TYR A 149 -19.08 21.35 28.52
C TYR A 149 -18.03 21.62 27.46
N THR A 150 -18.28 21.51 26.16
CA THR A 150 -17.23 21.79 25.18
C THR A 150 -17.93 22.37 23.97
N VAL A 151 -17.26 23.14 23.11
CA VAL A 151 -17.93 23.70 21.92
C VAL A 151 -17.25 23.05 20.71
N VAL A 152 -17.97 22.48 19.74
CA VAL A 152 -17.32 21.85 18.61
C VAL A 152 -18.01 22.42 17.37
N ASP A 153 -17.39 22.30 16.21
CA ASP A 153 -17.97 22.78 14.97
C ASP A 153 -19.10 21.86 14.62
N GLU A 154 -20.07 22.32 13.85
CA GLU A 154 -21.22 21.52 13.45
C GLU A 154 -20.86 20.31 12.60
N ASN A 155 -19.89 20.45 11.69
CA ASN A 155 -19.45 19.34 10.85
C ASN A 155 -18.62 18.32 11.65
N ALA A 156 -18.32 18.54 12.94
CA ALA A 156 -17.59 17.57 13.75
C ALA A 156 -18.61 17.03 14.77
N VAL A 157 -19.91 16.80 14.48
CA VAL A 157 -20.84 16.33 15.50
C VAL A 157 -21.86 15.46 14.81
N ALA A 158 -22.17 14.31 15.42
CA ALA A 158 -23.16 13.39 14.87
C ALA A 158 -24.33 13.27 15.83
N LYS A 159 -25.53 13.32 15.34
CA LYS A 159 -26.73 13.18 16.12
C LYS A 159 -27.00 11.70 16.02
N ILE A 160 -27.21 11.06 17.17
CA ILE A 160 -27.45 9.63 17.20
C ILE A 160 -28.81 9.31 17.86
N ASP A 161 -29.23 8.05 17.81
CA ASP A 161 -30.50 7.55 18.33
C ASP A 161 -30.83 8.05 19.75
N ALA A 162 -31.91 8.81 19.93
CA ALA A 162 -32.30 9.34 21.24
C ALA A 162 -32.34 8.32 22.36
N ALA A 163 -32.61 7.06 22.04
CA ALA A 163 -32.64 6.01 23.02
C ALA A 163 -31.26 5.38 23.21
N SER A 164 -30.14 5.99 22.82
CA SER A 164 -28.86 5.35 22.98
C SER A 164 -28.25 5.34 24.38
N PRO A 165 -27.78 4.19 24.89
CA PRO A 165 -27.05 4.08 26.13
C PRO A 165 -25.69 4.78 26.02
N LEU A 166 -25.66 6.09 26.29
CA LEU A 166 -24.47 6.91 26.16
C LEU A 166 -23.18 6.47 26.82
N GLU A 167 -23.22 5.54 27.78
CA GLU A 167 -21.98 5.13 28.42
C GLU A 167 -21.40 3.86 27.81
N LYS A 168 -22.04 3.40 26.73
CA LYS A 168 -21.62 2.25 25.97
C LYS A 168 -21.20 2.89 24.62
N VAL A 169 -22.18 3.54 24.00
CA VAL A 169 -22.05 4.20 22.72
C VAL A 169 -20.92 5.21 22.59
N CYS A 170 -20.30 5.76 23.64
CA CYS A 170 -19.22 6.70 23.40
C CYS A 170 -18.00 6.04 22.70
N LEU A 171 -17.84 4.69 22.80
CA LEU A 171 -16.74 3.97 22.18
C LEU A 171 -16.73 4.06 20.63
N ILE A 172 -17.92 4.14 20.04
CA ILE A 172 -18.08 4.33 18.62
C ILE A 172 -17.45 5.67 18.25
N GLY A 173 -17.28 6.64 19.14
CA GLY A 173 -16.64 7.89 18.79
C GLY A 173 -15.21 7.79 18.25
N CYS A 174 -14.39 6.83 18.67
CA CYS A 174 -13.02 6.65 18.22
C CYS A 174 -12.64 5.16 18.24
N GLY A 175 -12.28 4.56 19.39
CA GLY A 175 -11.81 3.19 19.50
C GLY A 175 -12.46 2.11 18.65
N PHE A 176 -13.77 1.98 18.71
CA PHE A 176 -14.47 0.93 18.00
C PHE A 176 -14.63 1.23 16.53
N SER A 177 -14.93 2.47 16.16
CA SER A 177 -15.16 2.73 14.75
C SER A 177 -13.82 2.55 14.02
N THR A 178 -12.73 2.89 14.69
CA THR A 178 -11.39 2.70 14.18
C THR A 178 -11.09 1.20 14.08
N GLY A 179 -11.07 0.44 15.18
CA GLY A 179 -10.76 -0.98 15.20
C GLY A 179 -11.49 -1.80 14.18
N TYR A 180 -12.79 -1.68 14.17
CA TYR A 180 -13.56 -2.46 13.24
C TYR A 180 -13.51 -1.98 11.81
N GLY A 181 -13.42 -0.69 11.49
CA GLY A 181 -13.37 -0.20 10.13
C GLY A 181 -12.02 -0.52 9.52
N SER A 182 -10.99 -0.79 10.30
CA SER A 182 -9.71 -1.15 9.74
C SER A 182 -9.83 -2.45 8.97
N ALA A 183 -10.47 -3.41 9.58
CA ALA A 183 -10.69 -4.70 8.99
C ALA A 183 -11.73 -4.63 7.88
N VAL A 184 -12.92 -4.15 8.18
CA VAL A 184 -14.01 -4.11 7.19
C VAL A 184 -13.86 -3.08 6.06
N ASN A 185 -13.31 -1.89 6.32
CA ASN A 185 -13.18 -0.90 5.27
C ASN A 185 -11.83 -0.63 4.71
N VAL A 186 -10.80 -0.58 5.56
CA VAL A 186 -9.49 -0.28 5.03
C VAL A 186 -8.87 -1.54 4.41
N ALA A 187 -8.46 -2.58 5.16
CA ALA A 187 -7.89 -3.78 4.56
C ALA A 187 -8.87 -4.56 3.69
N LYS A 188 -10.16 -4.47 3.97
CA LYS A 188 -11.20 -5.20 3.24
C LYS A 188 -11.07 -6.72 3.27
N VAL A 189 -10.85 -7.24 4.50
CA VAL A 189 -10.69 -8.67 4.79
C VAL A 189 -11.74 -9.54 4.10
N THR A 190 -11.24 -10.55 3.41
CA THR A 190 -12.10 -11.46 2.66
C THR A 190 -12.46 -12.72 3.43
N PRO A 191 -13.62 -13.36 3.16
CA PRO A 191 -14.00 -14.59 3.82
C PRO A 191 -12.90 -15.60 3.55
N GLY A 192 -12.50 -16.37 4.55
CA GLY A 192 -11.46 -17.35 4.34
C GLY A 192 -10.09 -16.82 4.64
N SER A 193 -9.87 -15.52 4.86
CA SER A 193 -8.55 -14.97 5.15
C SER A 193 -7.83 -15.53 6.37
N THR A 194 -6.60 -15.11 6.54
CA THR A 194 -5.79 -15.45 7.71
C THR A 194 -5.39 -14.03 8.11
N CYS A 195 -5.57 -13.61 9.38
CA CYS A 195 -5.19 -12.26 9.73
C CYS A 195 -4.39 -12.24 11.01
N ALA A 196 -3.50 -11.28 11.17
CA ALA A 196 -2.78 -11.13 12.41
C ALA A 196 -3.12 -9.71 12.94
N VAL A 197 -3.30 -9.52 14.24
CA VAL A 197 -3.58 -8.18 14.83
C VAL A 197 -2.54 -8.01 15.89
N PHE A 198 -1.68 -6.99 15.81
CA PHE A 198 -0.65 -6.74 16.80
C PHE A 198 -1.20 -5.68 17.73
N GLY A 199 -1.27 -5.96 19.03
CA GLY A 199 -1.77 -5.01 20.03
C GLY A 199 -3.20 -5.30 20.44
N LEU A 200 -3.47 -5.64 21.68
CA LEU A 200 -4.83 -5.94 22.07
C LEU A 200 -5.42 -4.95 23.10
N GLY A 201 -5.54 -3.68 22.71
CA GLY A 201 -6.15 -2.69 23.57
C GLY A 201 -7.58 -2.55 23.09
N GLY A 202 -8.30 -1.51 23.45
CA GLY A 202 -9.67 -1.32 22.99
C GLY A 202 -9.73 -1.17 21.49
N VAL A 203 -8.73 -0.54 20.85
CA VAL A 203 -8.79 -0.44 19.38
C VAL A 203 -8.31 -1.78 18.80
N GLY A 204 -7.18 -2.40 19.22
CA GLY A 204 -6.75 -3.70 18.71
C GLY A 204 -7.85 -4.76 18.74
N LEU A 205 -8.47 -4.93 19.93
CA LEU A 205 -9.58 -5.89 20.13
C LEU A 205 -10.78 -5.58 19.26
N SER A 206 -11.02 -4.37 18.78
CA SER A 206 -12.14 -4.16 17.87
C SER A 206 -11.70 -4.53 16.44
N ALA A 207 -10.39 -4.57 16.11
CA ALA A 207 -9.94 -5.00 14.78
C ALA A 207 -10.20 -6.51 14.73
N VAL A 208 -10.05 -7.24 15.87
CA VAL A 208 -10.36 -8.66 15.91
C VAL A 208 -11.84 -8.85 15.55
N MET A 209 -12.78 -8.16 16.21
CA MET A 209 -14.22 -8.22 15.88
C MET A 209 -14.49 -7.87 14.42
N GLY A 210 -13.70 -6.96 13.84
CA GLY A 210 -13.85 -6.57 12.44
C GLY A 210 -13.53 -7.73 11.49
N CYS A 211 -12.41 -8.40 11.75
CA CYS A 211 -11.97 -9.57 10.97
C CYS A 211 -12.97 -10.72 11.11
N LYS A 212 -13.46 -11.01 12.34
CA LYS A 212 -14.44 -12.06 12.57
C LYS A 212 -15.68 -11.75 11.76
N ALA A 213 -16.11 -10.50 11.78
CA ALA A 213 -17.30 -10.11 11.03
C ALA A 213 -17.05 -10.32 9.55
N ALA A 214 -15.81 -10.04 9.10
CA ALA A 214 -15.46 -10.17 7.71
C ALA A 214 -15.46 -11.62 7.22
N GLY A 215 -15.44 -12.58 8.15
CA GLY A 215 -15.45 -14.00 7.81
C GLY A 215 -14.02 -14.55 7.71
N ALA A 216 -13.05 -13.88 8.31
CA ALA A 216 -11.68 -14.34 8.28
C ALA A 216 -11.72 -15.72 8.90
N ALA A 217 -10.99 -16.64 8.31
CA ALA A 217 -10.99 -17.99 8.81
C ALA A 217 -10.05 -18.18 9.97
N ARG A 218 -9.09 -17.30 10.17
CA ARG A 218 -8.13 -17.49 11.24
C ARG A 218 -7.58 -16.19 11.79
N ILE A 219 -7.81 -15.86 13.08
CA ILE A 219 -7.31 -14.60 13.65
C ILE A 219 -6.29 -14.86 14.75
N ILE A 220 -5.06 -14.44 14.50
CA ILE A 220 -3.97 -14.62 15.44
C ILE A 220 -3.81 -13.26 16.09
N ALA A 221 -3.74 -13.27 17.42
CA ALA A 221 -3.63 -12.05 18.18
C ALA A 221 -2.29 -11.99 18.87
N VAL A 222 -1.58 -10.86 18.72
CA VAL A 222 -0.26 -10.75 19.28
C VAL A 222 -0.18 -9.72 20.40
N ASP A 223 0.33 -10.07 21.58
CA ASP A 223 0.49 -9.11 22.63
C ASP A 223 1.50 -9.60 23.62
N ILE A 224 2.24 -8.70 24.23
CA ILE A 224 3.20 -9.08 25.25
C ILE A 224 2.54 -9.25 26.64
N ASN A 225 1.27 -8.84 26.80
CA ASN A 225 0.53 -8.95 28.04
C ASN A 225 -0.41 -10.12 27.85
N LYS A 226 -0.14 -11.24 28.52
CA LYS A 226 -0.98 -12.42 28.33
C LYS A 226 -2.37 -12.36 28.92
N ASP A 227 -2.65 -11.43 29.81
CA ASP A 227 -3.98 -11.32 30.39
C ASP A 227 -5.01 -10.82 29.39
N LYS A 228 -4.59 -10.27 28.24
CA LYS A 228 -5.53 -9.74 27.25
C LYS A 228 -6.15 -10.83 26.38
N PHE A 229 -5.49 -11.99 26.36
CA PHE A 229 -5.84 -13.17 25.56
C PHE A 229 -7.23 -13.75 25.64
N ALA A 230 -7.76 -13.86 26.87
CA ALA A 230 -9.11 -14.38 27.18
C ALA A 230 -10.20 -13.54 26.52
N LYS A 231 -9.97 -12.24 26.52
CA LYS A 231 -10.91 -11.35 25.89
C LYS A 231 -10.79 -11.50 24.37
N ALA A 232 -9.54 -11.55 23.85
CA ALA A 232 -9.29 -11.74 22.41
C ALA A 232 -9.96 -13.02 21.92
N LYS A 233 -9.86 -14.11 22.70
CA LYS A 233 -10.50 -15.38 22.37
C LYS A 233 -11.99 -15.13 22.36
N GLU A 234 -12.52 -14.63 23.48
CA GLU A 234 -13.94 -14.33 23.62
C GLU A 234 -14.47 -13.53 22.42
N LEU A 235 -13.71 -12.54 21.96
CA LEU A 235 -14.14 -11.76 20.82
C LEU A 235 -13.84 -12.33 19.43
N GLY A 236 -13.06 -13.42 19.23
CA GLY A 236 -12.86 -13.95 17.88
C GLY A 236 -11.48 -14.49 17.48
N ALA A 237 -10.46 -14.26 18.26
CA ALA A 237 -9.14 -14.75 17.94
C ALA A 237 -9.18 -16.27 18.03
N THR A 238 -8.60 -16.92 17.00
CA THR A 238 -8.50 -18.37 16.91
C THR A 238 -7.26 -18.76 17.70
N GLU A 239 -6.28 -17.88 17.87
CA GLU A 239 -5.13 -18.19 18.70
C GLU A 239 -4.47 -16.88 19.09
N CYS A 240 -3.75 -16.87 20.20
CA CYS A 240 -3.13 -15.68 20.70
C CYS A 240 -1.73 -16.14 21.02
N ILE A 241 -0.68 -15.34 20.73
CA ILE A 241 0.71 -15.73 20.97
C ILE A 241 1.46 -14.55 21.59
N ASN A 242 2.47 -14.77 22.42
CA ASN A 242 3.21 -13.70 23.04
C ASN A 242 4.67 -13.76 22.59
N PRO A 243 5.20 -12.71 21.94
CA PRO A 243 6.55 -12.66 21.43
C PRO A 243 7.62 -13.09 22.39
N GLN A 244 7.47 -12.77 23.66
CA GLN A 244 8.51 -13.11 24.61
C GLN A 244 8.66 -14.58 24.89
N ASP A 245 7.83 -15.43 24.31
CA ASP A 245 7.98 -16.86 24.54
C ASP A 245 9.00 -17.51 23.59
N TYR A 246 9.22 -16.89 22.43
CA TYR A 246 10.10 -17.40 21.39
C TYR A 246 11.53 -16.89 21.34
N LYS A 247 12.37 -17.71 20.71
CA LYS A 247 13.77 -17.35 20.52
C LYS A 247 13.94 -16.76 19.13
N LYS A 248 13.02 -16.98 18.17
CA LYS A 248 13.20 -16.38 16.86
C LYS A 248 12.24 -15.20 16.69
N PRO A 249 12.50 -14.21 15.81
CA PRO A 249 11.66 -13.02 15.59
C PRO A 249 10.20 -13.34 15.33
N ILE A 250 9.28 -12.51 15.83
CA ILE A 250 7.86 -12.79 15.67
C ILE A 250 7.42 -12.86 14.21
N GLN A 251 8.00 -12.12 13.26
CA GLN A 251 7.64 -12.26 11.85
C GLN A 251 8.08 -13.64 11.29
N GLU A 252 9.18 -14.25 11.75
CA GLU A 252 9.55 -15.58 11.24
C GLU A 252 8.58 -16.65 11.75
N VAL A 253 8.23 -16.58 13.06
CA VAL A 253 7.29 -17.47 13.72
C VAL A 253 5.98 -17.41 12.96
N LEU A 254 5.48 -16.23 12.68
CA LEU A 254 4.22 -16.17 11.97
C LEU A 254 4.30 -16.69 10.57
N LYS A 255 5.39 -16.46 9.81
CA LYS A 255 5.50 -17.01 8.46
C LYS A 255 5.49 -18.54 8.55
N GLU A 256 6.24 -19.08 9.51
CA GLU A 256 6.29 -20.52 9.71
C GLU A 256 4.92 -21.10 10.03
N MET A 257 4.06 -20.31 10.66
CA MET A 257 2.73 -20.74 11.05
C MET A 257 1.67 -20.65 9.99
N THR A 258 1.85 -19.74 9.05
CA THR A 258 0.80 -19.49 8.07
C THR A 258 1.07 -19.80 6.61
N ASP A 259 2.09 -20.63 6.42
CA ASP A 259 2.51 -21.09 5.11
C ASP A 259 3.04 -19.93 4.27
N GLY A 260 3.98 -19.28 4.92
CA GLY A 260 4.68 -18.17 4.30
C GLY A 260 4.16 -16.78 4.55
N GLY A 261 3.28 -16.56 5.54
CA GLY A 261 2.81 -15.23 5.87
C GLY A 261 1.29 -15.09 5.84
N VAL A 262 0.73 -14.18 6.66
CA VAL A 262 -0.73 -13.96 6.68
C VAL A 262 -1.23 -13.25 5.46
N ASP A 263 -2.53 -13.21 5.25
CA ASP A 263 -3.11 -12.47 4.15
C ASP A 263 -3.23 -10.99 4.57
N PHE A 264 -3.70 -10.69 5.79
CA PHE A 264 -3.84 -9.30 6.27
C PHE A 264 -3.19 -9.06 7.64
N SER A 265 -2.28 -8.12 7.88
CA SER A 265 -1.74 -7.91 9.22
C SER A 265 -2.05 -6.45 9.59
N PHE A 266 -2.34 -6.16 10.86
CA PHE A 266 -2.72 -4.81 11.31
C PHE A 266 -1.84 -4.38 12.45
N GLU A 267 -1.23 -3.20 12.49
CA GLU A 267 -0.45 -2.84 13.67
C GLU A 267 -1.31 -1.89 14.51
N VAL A 268 -1.79 -2.24 15.72
CA VAL A 268 -2.61 -1.33 16.52
C VAL A 268 -1.94 -1.04 17.86
N ILE A 269 -0.78 -0.37 17.83
CA ILE A 269 0.00 -0.15 19.03
C ILE A 269 0.71 1.18 18.97
N GLY A 270 1.35 1.45 17.83
CA GLY A 270 2.09 2.68 17.63
C GLY A 270 3.62 2.61 17.77
N ARG A 271 4.38 1.50 17.61
CA ARG A 271 5.85 1.59 17.71
C ARG A 271 6.56 1.06 16.45
N LEU A 272 7.72 1.57 16.08
CA LEU A 272 8.44 1.16 14.86
C LEU A 272 8.76 -0.32 14.64
N ASP A 273 9.27 -0.99 15.67
CA ASP A 273 9.61 -2.39 15.55
C ASP A 273 8.41 -3.26 15.22
N THR A 274 7.19 -2.92 15.69
CA THR A 274 6.03 -3.75 15.44
C THR A 274 5.43 -3.43 14.13
N MET A 275 5.67 -2.24 13.61
CA MET A 275 5.18 -1.89 12.28
C MET A 275 6.01 -2.65 11.23
N MET A 276 7.31 -2.74 11.46
CA MET A 276 8.22 -3.48 10.59
C MET A 276 7.85 -4.96 10.69
N ALA A 277 7.78 -5.54 11.91
CA ALA A 277 7.38 -6.94 12.08
C ALA A 277 6.03 -7.26 11.48
N SER A 278 5.15 -6.28 11.46
CA SER A 278 3.81 -6.44 10.88
C SER A 278 3.91 -6.35 9.37
N LEU A 279 4.89 -5.66 8.74
CA LEU A 279 5.00 -5.66 7.25
C LEU A 279 5.57 -7.03 6.83
N LEU A 280 6.76 -7.30 7.35
CA LEU A 280 7.47 -8.54 7.13
C LEU A 280 6.65 -9.82 7.28
N CYS A 281 5.66 -9.88 8.17
CA CYS A 281 4.88 -11.09 8.37
C CYS A 281 3.74 -11.27 7.41
N CYS A 282 3.32 -10.31 6.60
CA CYS A 282 2.21 -10.63 5.71
C CYS A 282 2.82 -11.32 4.48
N HIS A 283 2.05 -12.07 3.70
CA HIS A 283 2.64 -12.79 2.60
C HIS A 283 3.13 -11.83 1.53
N GLU A 284 4.41 -12.06 1.22
CA GLU A 284 5.24 -11.39 0.18
C GLU A 284 4.63 -11.05 -1.16
N ALA A 285 3.59 -11.80 -1.56
CA ALA A 285 2.94 -11.65 -2.83
C ALA A 285 1.43 -11.51 -2.77
N CYS A 286 0.79 -11.52 -1.60
CA CYS A 286 -0.66 -11.34 -1.54
C CYS A 286 -1.12 -10.78 -0.19
N GLY A 287 -0.22 -10.15 0.54
CA GLY A 287 -0.61 -9.61 1.80
C GLY A 287 -0.80 -8.10 1.74
N THR A 288 -1.61 -7.60 2.67
CA THR A 288 -1.89 -6.19 2.84
C THR A 288 -1.55 -5.97 4.31
N SER A 289 -0.83 -4.93 4.65
CA SER A 289 -0.47 -4.64 6.03
C SER A 289 -1.02 -3.23 6.15
N VAL A 290 -1.76 -3.05 7.26
CA VAL A 290 -2.42 -1.81 7.59
C VAL A 290 -1.87 -1.18 8.85
N ILE A 291 -1.62 0.13 8.80
CA ILE A 291 -1.05 0.82 9.96
C ILE A 291 -2.20 1.52 10.65
N VAL A 292 -2.42 1.23 11.95
CA VAL A 292 -3.47 1.88 12.72
C VAL A 292 -2.83 2.62 13.90
N GLY A 293 -1.81 2.14 14.56
CA GLY A 293 -1.18 2.81 15.68
C GLY A 293 -0.49 4.09 15.25
N VAL A 294 -0.33 5.07 16.15
CA VAL A 294 0.29 6.35 15.84
C VAL A 294 1.73 6.38 16.35
N PRO A 295 2.74 6.51 15.47
CA PRO A 295 4.16 6.57 15.82
C PRO A 295 4.70 7.77 16.64
N PRO A 296 5.83 7.66 17.35
CA PRO A 296 6.42 8.77 18.10
C PRO A 296 6.79 9.84 17.08
N ALA A 297 6.73 11.14 17.38
CA ALA A 297 7.05 12.15 16.39
C ALA A 297 8.44 12.04 15.81
N SER A 298 8.49 12.26 14.50
CA SER A 298 9.76 12.27 13.77
C SER A 298 10.58 10.99 13.86
N GLN A 299 9.93 9.85 13.63
CA GLN A 299 10.65 8.59 13.67
C GLN A 299 10.55 8.02 12.28
N ASN A 300 11.64 7.48 11.81
CA ASN A 300 11.67 6.91 10.47
C ASN A 300 12.00 5.43 10.52
N LEU A 301 11.39 4.69 9.60
CA LEU A 301 11.60 3.27 9.37
C LEU A 301 12.53 3.11 8.14
N SER A 302 13.53 2.21 8.11
CA SER A 302 14.36 1.97 6.92
C SER A 302 13.66 0.79 6.26
N ILE A 303 13.13 0.95 5.07
CA ILE A 303 12.46 -0.11 4.39
C ILE A 303 13.28 -0.45 3.13
N ASN A 304 13.25 -1.74 2.82
CA ASN A 304 13.90 -2.28 1.65
C ASN A 304 12.75 -2.28 0.66
N PRO A 305 12.75 -1.45 -0.38
CA PRO A 305 11.68 -1.41 -1.38
C PRO A 305 11.41 -2.74 -2.10
N MET A 306 12.37 -3.69 -2.09
CA MET A 306 12.14 -4.98 -2.71
C MET A 306 11.02 -5.69 -1.97
N LEU A 307 10.79 -5.36 -0.67
CA LEU A 307 9.72 -5.93 0.13
C LEU A 307 8.37 -5.61 -0.52
N LEU A 308 8.27 -4.49 -1.25
CA LEU A 308 7.00 -4.16 -1.87
C LEU A 308 6.76 -4.66 -3.27
N LEU A 309 7.83 -4.63 -4.09
CA LEU A 309 7.78 -5.07 -5.50
C LEU A 309 7.21 -6.46 -5.71
N THR A 310 7.45 -7.45 -4.86
CA THR A 310 6.89 -8.79 -5.04
C THR A 310 5.38 -8.89 -4.98
N GLY A 311 4.66 -7.85 -4.55
CA GLY A 311 3.19 -7.84 -4.49
C GLY A 311 2.54 -7.35 -3.20
N ARG A 312 3.28 -6.79 -2.23
CA ARG A 312 2.67 -6.33 -0.99
C ARG A 312 1.98 -4.97 -1.07
N THR A 313 0.99 -4.75 -0.20
CA THR A 313 0.29 -3.47 -0.12
C THR A 313 0.51 -2.98 1.31
N TRP A 314 1.04 -1.77 1.44
CA TRP A 314 1.27 -1.15 2.72
C TRP A 314 0.41 0.10 2.70
N LYS A 315 -0.46 0.30 3.71
CA LYS A 315 -1.35 1.47 3.77
C LYS A 315 -1.79 1.80 5.20
N GLY A 316 -2.31 3.01 5.42
CA GLY A 316 -2.79 3.47 6.70
C GLY A 316 -4.09 4.22 6.52
N ALA A 317 -4.77 4.57 7.61
CA ALA A 317 -6.02 5.33 7.55
C ALA A 317 -6.42 5.75 8.95
N VAL A 318 -7.08 6.90 8.96
CA VAL A 318 -7.61 7.53 10.15
C VAL A 318 -9.06 7.08 10.36
N TYR A 319 -9.51 6.80 11.59
CA TYR A 319 -10.93 6.50 11.88
C TYR A 319 -11.58 5.31 11.17
N GLY A 320 -10.76 4.29 10.90
CA GLY A 320 -11.25 3.08 10.23
C GLY A 320 -11.82 3.33 8.86
N GLY A 321 -11.43 4.43 8.23
CA GLY A 321 -11.93 4.72 6.90
C GLY A 321 -13.34 5.25 6.90
N PHE A 322 -13.95 5.58 8.02
CA PHE A 322 -15.31 6.08 8.08
C PHE A 322 -15.43 7.56 7.75
N LYS A 323 -16.44 7.99 6.96
CA LYS A 323 -16.72 9.43 6.71
C LYS A 323 -17.38 9.68 8.07
N SER A 324 -16.83 10.49 8.95
CA SER A 324 -17.32 10.68 10.29
C SER A 324 -18.80 10.94 10.58
N LYS A 325 -19.35 11.94 9.91
CA LYS A 325 -20.74 12.35 10.15
C LYS A 325 -21.73 11.35 9.58
N GLU A 326 -21.50 10.72 8.42
CA GLU A 326 -22.46 9.74 7.92
C GLU A 326 -22.25 8.39 8.57
N GLY A 327 -20.99 8.04 8.82
CA GLY A 327 -20.58 6.77 9.36
C GLY A 327 -21.01 6.45 10.76
N ILE A 328 -20.72 7.34 11.70
CA ILE A 328 -21.08 7.09 13.10
C ILE A 328 -22.56 6.93 13.31
N PRO A 329 -23.52 7.69 12.79
CA PRO A 329 -24.94 7.45 13.02
C PRO A 329 -25.35 6.00 12.76
N LYS A 330 -24.99 5.49 11.57
CA LYS A 330 -25.29 4.12 11.17
C LYS A 330 -24.65 3.08 12.07
N LEU A 331 -23.42 3.26 12.52
CA LEU A 331 -22.78 2.30 13.38
C LEU A 331 -23.49 2.26 14.73
N VAL A 332 -24.06 3.39 15.22
CA VAL A 332 -24.80 3.39 16.49
C VAL A 332 -26.11 2.66 16.19
N ALA A 333 -26.80 2.91 15.09
CA ALA A 333 -28.01 2.16 14.77
C ALA A 333 -27.76 0.63 14.77
N ASP A 334 -26.69 0.12 14.12
CA ASP A 334 -26.35 -1.30 14.19
C ASP A 334 -26.15 -1.76 15.65
N PHE A 335 -25.63 -0.93 16.56
CA PHE A 335 -25.47 -1.29 17.97
C PHE A 335 -26.84 -1.55 18.56
N MET A 336 -27.80 -0.69 18.24
CA MET A 336 -29.18 -0.79 18.73
C MET A 336 -29.86 -2.07 18.28
N ALA A 337 -29.59 -2.45 17.04
CA ALA A 337 -30.12 -3.66 16.42
C ALA A 337 -29.51 -4.95 16.93
N LYS A 338 -28.58 -4.82 17.86
CA LYS A 338 -27.82 -5.86 18.52
C LYS A 338 -26.92 -6.57 17.54
N LYS A 339 -26.51 -5.83 16.53
CA LYS A 339 -25.66 -6.41 15.51
C LYS A 339 -24.26 -6.69 16.03
N PHE A 340 -23.84 -6.08 17.14
CA PHE A 340 -22.51 -6.28 17.73
C PHE A 340 -22.63 -5.74 19.15
N SER A 341 -21.81 -6.15 20.11
CA SER A 341 -21.94 -5.69 21.46
C SER A 341 -20.70 -4.92 21.90
N LEU A 342 -20.69 -4.08 22.94
CA LEU A 342 -19.48 -3.37 23.30
C LEU A 342 -19.03 -3.58 24.73
N ASP A 343 -19.73 -4.48 25.40
CA ASP A 343 -19.49 -4.72 26.81
C ASP A 343 -18.17 -5.27 27.20
N ALA A 344 -17.63 -6.24 26.47
CA ALA A 344 -16.35 -6.84 26.86
C ALA A 344 -15.18 -5.88 26.91
N LEU A 345 -15.30 -4.74 26.20
CA LEU A 345 -14.21 -3.77 26.15
C LEU A 345 -14.13 -2.84 27.34
N ILE A 346 -15.29 -2.52 27.92
CA ILE A 346 -15.36 -1.60 29.06
C ILE A 346 -15.05 -2.41 30.32
N THR A 347 -13.90 -2.20 30.94
CA THR A 347 -13.64 -2.96 32.12
C THR A 347 -13.71 -2.10 33.39
N HIS A 348 -13.91 -0.78 33.30
CA HIS A 348 -13.87 0.12 34.44
C HIS A 348 -14.65 1.36 34.09
N VAL A 349 -15.46 1.83 35.05
CA VAL A 349 -16.28 3.03 34.94
C VAL A 349 -15.83 3.85 36.14
N LEU A 350 -15.45 5.10 36.00
CA LEU A 350 -15.00 5.92 37.12
C LEU A 350 -15.65 7.29 36.97
N PRO A 351 -15.81 8.08 38.04
CA PRO A 351 -16.26 9.47 37.92
C PRO A 351 -15.11 10.24 37.29
N PHE A 352 -15.44 11.24 36.49
CA PHE A 352 -14.47 12.09 35.82
C PHE A 352 -13.35 12.60 36.71
N GLU A 353 -13.58 12.79 38.01
CA GLU A 353 -12.59 13.31 38.93
C GLU A 353 -11.42 12.36 39.11
N LYS A 354 -11.69 11.07 38.88
CA LYS A 354 -10.68 10.03 38.99
C LYS A 354 -9.93 9.87 37.68
N ILE A 355 -9.96 10.80 36.71
CA ILE A 355 -9.24 10.64 35.44
C ILE A 355 -7.80 10.15 35.55
N ASN A 356 -7.01 10.62 36.52
CA ASN A 356 -5.63 10.20 36.69
C ASN A 356 -5.49 8.73 37.09
N GLU A 357 -6.50 8.23 37.81
CA GLU A 357 -6.52 6.86 38.28
C GLU A 357 -6.82 6.01 37.04
N GLY A 358 -7.64 6.56 36.13
CA GLY A 358 -7.97 5.93 34.87
C GLY A 358 -6.75 5.83 33.98
N PHE A 359 -5.90 6.88 33.92
CA PHE A 359 -4.70 6.80 33.10
C PHE A 359 -3.69 5.86 33.71
N ASP A 360 -3.74 5.66 35.02
CA ASP A 360 -2.80 4.73 35.64
C ASP A 360 -3.20 3.29 35.42
N LEU A 361 -4.49 3.01 35.21
CA LEU A 361 -4.94 1.64 34.92
C LEU A 361 -4.48 1.28 33.51
N LEU A 362 -4.51 2.25 32.57
CA LEU A 362 -4.04 2.08 31.20
C LEU A 362 -2.55 1.80 31.31
N HIS A 363 -1.74 2.61 31.98
CA HIS A 363 -0.31 2.37 32.11
C HIS A 363 0.11 1.03 32.71
N SER A 364 -0.78 0.27 33.33
CA SER A 364 -0.41 -1.00 33.91
C SER A 364 -1.05 -2.16 33.16
N GLY A 365 -1.88 -1.90 32.16
CA GLY A 365 -2.49 -2.96 31.37
C GLY A 365 -3.51 -3.80 32.13
N LYS A 366 -4.04 -3.10 33.15
CA LYS A 366 -5.08 -3.61 34.01
C LYS A 366 -6.41 -3.33 33.35
N SER A 367 -6.48 -2.44 32.36
CA SER A 367 -7.73 -2.10 31.73
C SER A 367 -7.73 -2.22 30.24
N ILE A 368 -8.86 -2.51 29.59
CA ILE A 368 -8.91 -2.44 28.14
C ILE A 368 -9.40 -0.99 28.10
N ARG A 369 -10.70 -0.69 28.09
CA ARG A 369 -11.20 0.70 28.13
C ARG A 369 -11.81 1.09 29.49
N THR A 370 -11.43 2.26 30.02
CA THR A 370 -11.96 2.84 31.25
C THR A 370 -12.92 3.98 30.83
N VAL A 371 -14.21 4.01 31.22
CA VAL A 371 -15.21 5.06 30.92
C VAL A 371 -15.31 6.07 32.09
N LEU A 372 -15.30 7.37 31.79
CA LEU A 372 -15.40 8.42 32.77
C LEU A 372 -16.75 9.08 32.62
N THR A 373 -17.48 9.09 33.74
CA THR A 373 -18.80 9.66 33.85
C THR A 373 -18.86 11.07 34.46
N PHE A 374 -19.72 11.93 33.93
CA PHE A 374 -19.90 13.29 34.41
C PHE A 374 -21.23 13.35 35.17
N SER B 1 17.26 -33.26 -38.54
CA SER B 1 16.25 -33.13 -37.52
C SER B 1 17.06 -32.91 -36.27
N THR B 2 16.64 -32.11 -35.29
CA THR B 2 17.42 -31.91 -34.07
C THR B 2 16.72 -32.48 -32.85
N ALA B 3 15.42 -32.68 -33.06
CA ALA B 3 14.51 -33.22 -32.09
C ALA B 3 15.13 -34.50 -31.60
N GLY B 4 15.76 -34.43 -30.45
CA GLY B 4 16.36 -35.61 -29.88
C GLY B 4 17.71 -35.30 -29.30
N LYS B 5 18.52 -34.41 -29.87
CA LYS B 5 19.79 -34.13 -29.24
C LYS B 5 20.36 -32.72 -29.33
N VAL B 6 21.55 -32.58 -28.73
CA VAL B 6 22.28 -31.34 -28.64
C VAL B 6 22.39 -30.50 -29.91
N ILE B 7 22.26 -29.19 -29.74
CA ILE B 7 22.38 -28.25 -30.82
C ILE B 7 23.60 -27.40 -30.43
N LYS B 8 24.36 -26.95 -31.43
CA LYS B 8 25.48 -26.08 -31.17
C LYS B 8 24.97 -24.85 -31.94
N CYS B 9 25.09 -23.66 -31.34
CA CYS B 9 24.61 -22.42 -31.94
C CYS B 9 25.40 -21.34 -31.26
N LYS B 10 25.08 -20.13 -31.68
CA LYS B 10 25.64 -18.90 -31.14
C LYS B 10 24.73 -18.34 -30.02
N ALA B 11 25.37 -17.78 -29.02
CA ALA B 11 24.68 -17.19 -27.89
C ALA B 11 25.58 -16.11 -27.35
N ALA B 12 25.07 -15.03 -26.74
CA ALA B 12 25.93 -14.01 -26.15
C ALA B 12 26.16 -14.40 -24.69
N VAL B 13 27.39 -14.72 -24.31
CA VAL B 13 27.65 -15.09 -22.94
C VAL B 13 28.28 -13.87 -22.25
N LEU B 14 27.88 -13.68 -20.98
CA LEU B 14 28.38 -12.64 -20.11
C LEU B 14 29.11 -13.52 -19.12
N TRP B 15 30.41 -13.31 -19.05
CA TRP B 15 31.24 -14.14 -18.18
C TRP B 15 31.66 -13.36 -16.96
N GLU B 16 31.63 -12.02 -17.06
CA GLU B 16 32.07 -11.19 -15.97
C GLU B 16 31.19 -9.94 -15.93
N VAL B 17 31.22 -9.21 -14.82
CA VAL B 17 30.42 -8.00 -14.63
C VAL B 17 31.15 -6.85 -15.30
N LYS B 18 30.44 -5.96 -15.99
CA LYS B 18 31.00 -4.78 -16.67
C LYS B 18 31.92 -5.05 -17.86
N LYS B 19 31.91 -6.30 -18.33
CA LYS B 19 32.71 -6.75 -19.45
C LYS B 19 31.73 -6.94 -20.59
N PRO B 20 32.08 -6.70 -21.86
CA PRO B 20 31.13 -6.82 -22.96
C PRO B 20 30.63 -8.25 -23.13
N PHE B 21 29.56 -8.46 -23.87
CA PHE B 21 29.10 -9.82 -24.11
C PHE B 21 30.06 -10.43 -25.12
N SER B 22 30.04 -11.75 -25.30
CA SER B 22 30.85 -12.40 -26.31
C SER B 22 29.89 -13.35 -26.97
N ILE B 23 29.69 -13.28 -28.30
CA ILE B 23 28.79 -14.23 -28.95
C ILE B 23 29.69 -15.43 -29.21
N GLU B 24 29.36 -16.53 -28.54
CA GLU B 24 30.12 -17.76 -28.60
C GLU B 24 29.29 -18.95 -29.05
N ASP B 25 29.92 -20.13 -29.18
CA ASP B 25 29.18 -21.32 -29.58
C ASP B 25 28.94 -22.11 -28.32
N VAL B 26 27.68 -22.36 -28.10
CA VAL B 26 27.26 -23.08 -26.94
C VAL B 26 26.39 -24.22 -27.45
N GLU B 27 26.21 -25.16 -26.53
CA GLU B 27 25.42 -26.35 -26.78
C GLU B 27 24.25 -26.34 -25.78
N VAL B 28 23.09 -26.55 -26.38
CA VAL B 28 21.76 -26.56 -25.81
C VAL B 28 21.39 -28.04 -25.74
N ALA B 29 21.20 -28.60 -24.56
CA ALA B 29 20.83 -29.99 -24.40
C ALA B 29 19.38 -30.17 -24.84
N PRO B 30 18.88 -31.35 -25.20
CA PRO B 30 17.47 -31.51 -25.55
C PRO B 30 16.53 -31.33 -24.33
N PRO B 31 15.30 -30.85 -24.56
CA PRO B 31 14.29 -30.65 -23.51
C PRO B 31 13.97 -31.84 -22.63
N LYS B 32 14.03 -31.77 -21.30
CA LYS B 32 13.63 -32.91 -20.49
C LYS B 32 12.10 -33.02 -20.40
N ALA B 33 11.57 -33.70 -19.37
CA ALA B 33 10.12 -33.83 -19.19
C ALA B 33 9.54 -32.46 -18.84
N TYR B 34 8.41 -32.15 -19.47
CA TYR B 34 7.70 -30.89 -19.29
C TYR B 34 8.52 -29.63 -19.61
N GLU B 35 9.47 -29.71 -20.54
CA GLU B 35 10.25 -28.56 -20.95
C GLU B 35 10.03 -28.37 -22.45
N VAL B 36 10.47 -27.26 -23.02
CA VAL B 36 10.22 -26.91 -24.42
C VAL B 36 11.49 -26.25 -24.94
N ARG B 37 11.94 -26.51 -26.18
CA ARG B 37 13.12 -25.87 -26.72
C ARG B 37 12.59 -24.98 -27.84
N ILE B 38 12.92 -23.71 -27.78
CA ILE B 38 12.40 -22.70 -28.68
C ILE B 38 13.53 -22.13 -29.51
N LYS B 39 13.13 -21.75 -30.71
CA LYS B 39 13.99 -21.17 -31.72
C LYS B 39 13.66 -19.68 -31.68
N MET B 40 14.64 -18.85 -31.36
CA MET B 40 14.43 -17.41 -31.23
C MET B 40 14.34 -16.55 -32.49
N VAL B 41 13.21 -15.86 -32.72
CA VAL B 41 13.06 -14.99 -33.86
C VAL B 41 13.50 -13.55 -33.52
N ALA B 42 13.05 -12.98 -32.39
CA ALA B 42 13.40 -11.61 -31.98
C ALA B 42 13.40 -11.40 -30.47
N VAL B 43 14.28 -10.54 -29.94
CA VAL B 43 14.35 -10.25 -28.52
C VAL B 43 14.46 -8.74 -28.27
N GLY B 44 13.86 -8.24 -27.17
CA GLY B 44 13.88 -6.83 -26.86
C GLY B 44 14.88 -6.60 -25.75
N ILE B 45 15.70 -5.54 -25.79
CA ILE B 45 16.63 -5.27 -24.70
C ILE B 45 15.82 -4.50 -23.64
N CYS B 46 15.52 -5.11 -22.49
CA CYS B 46 14.78 -4.50 -21.40
C CYS B 46 15.82 -3.95 -20.40
N ARG B 47 15.56 -3.05 -19.41
CA ARG B 47 16.67 -2.58 -18.57
C ARG B 47 17.02 -3.55 -17.45
N THR B 48 16.17 -4.56 -17.20
CA THR B 48 16.45 -5.57 -16.18
C THR B 48 17.77 -6.28 -16.56
N ASP B 49 17.98 -6.59 -17.86
CA ASP B 49 19.21 -7.22 -18.40
C ASP B 49 20.47 -6.40 -18.09
N ASP B 50 20.43 -5.09 -18.35
CA ASP B 50 21.55 -4.22 -18.03
C ASP B 50 21.75 -4.18 -16.54
N HIS B 51 20.73 -4.33 -15.65
CA HIS B 51 21.05 -4.32 -14.21
C HIS B 51 21.97 -5.47 -13.85
N VAL B 52 21.95 -6.60 -14.59
CA VAL B 52 22.89 -7.67 -14.26
C VAL B 52 24.27 -7.28 -14.77
N VAL B 53 24.39 -6.70 -15.98
CA VAL B 53 25.70 -6.30 -16.49
C VAL B 53 26.40 -5.36 -15.50
N SER B 54 25.66 -4.35 -15.02
CA SER B 54 26.15 -3.37 -14.06
C SER B 54 26.46 -3.91 -12.67
N GLY B 55 25.69 -4.89 -12.27
CA GLY B 55 25.87 -5.45 -10.94
C GLY B 55 24.78 -4.94 -10.01
N ASN B 56 23.80 -4.20 -10.55
CA ASN B 56 22.72 -3.69 -9.72
C ASN B 56 21.78 -4.82 -9.33
N LEU B 57 21.75 -5.86 -10.18
CA LEU B 57 20.94 -7.03 -9.94
C LEU B 57 21.98 -8.14 -10.00
N VAL B 58 22.00 -8.96 -8.97
CA VAL B 58 22.93 -10.06 -8.88
C VAL B 58 22.17 -11.35 -9.22
N THR B 59 22.90 -12.31 -9.81
CA THR B 59 22.44 -13.63 -10.22
C THR B 59 23.76 -14.43 -10.43
N PRO B 60 23.88 -15.76 -10.33
CA PRO B 60 25.12 -16.50 -10.57
C PRO B 60 25.66 -16.45 -11.99
N LEU B 61 26.94 -16.13 -12.17
CA LEU B 61 27.59 -16.05 -13.48
C LEU B 61 28.40 -17.32 -13.87
N PRO B 62 28.80 -17.67 -15.11
CA PRO B 62 28.47 -17.04 -16.39
C PRO B 62 27.00 -17.24 -16.67
N VAL B 63 26.41 -16.46 -17.57
CA VAL B 63 24.97 -16.58 -17.77
C VAL B 63 24.66 -16.08 -19.16
N ILE B 64 23.53 -16.54 -19.66
CA ILE B 64 23.04 -16.06 -20.93
C ILE B 64 21.77 -15.27 -20.48
N LEU B 65 21.75 -13.93 -20.64
CA LEU B 65 20.61 -13.11 -20.21
C LEU B 65 19.46 -13.16 -21.21
N GLY B 66 18.46 -12.27 -21.08
CA GLY B 66 17.33 -12.18 -22.00
C GLY B 66 16.06 -12.80 -21.46
N HIS B 67 14.92 -12.13 -21.71
CA HIS B 67 13.58 -12.57 -21.30
C HIS B 67 12.50 -11.91 -22.11
N GLU B 68 12.75 -10.78 -22.78
CA GLU B 68 11.69 -10.21 -23.58
C GLU B 68 11.78 -10.88 -24.96
N ALA B 69 10.89 -11.81 -25.38
CA ALA B 69 11.05 -12.50 -26.64
C ALA B 69 9.90 -13.33 -27.19
N ALA B 70 10.05 -13.76 -28.46
CA ALA B 70 9.08 -14.61 -29.15
C ALA B 70 9.85 -15.54 -30.11
N GLY B 71 9.34 -16.75 -30.33
CA GLY B 71 9.98 -17.72 -31.21
C GLY B 71 9.01 -18.77 -31.69
N ILE B 72 9.55 -19.82 -32.29
CA ILE B 72 8.76 -20.94 -32.81
C ILE B 72 9.26 -22.12 -32.02
N VAL B 73 8.30 -23.00 -31.70
CA VAL B 73 8.64 -24.18 -30.93
C VAL B 73 9.32 -25.18 -31.84
N GLU B 74 10.50 -25.65 -31.41
CA GLU B 74 11.24 -26.65 -32.14
C GLU B 74 10.75 -27.95 -31.47
N SER B 75 11.20 -28.46 -30.33
CA SER B 75 10.65 -29.69 -29.83
C SER B 75 10.25 -29.52 -28.38
N VAL B 76 9.16 -30.18 -28.06
CA VAL B 76 8.63 -30.17 -26.72
C VAL B 76 9.13 -31.48 -26.09
N GLY B 77 9.25 -31.53 -24.76
CA GLY B 77 9.70 -32.72 -24.07
C GLY B 77 8.54 -33.67 -23.79
N GLU B 78 8.81 -34.77 -23.10
CA GLU B 78 7.78 -35.73 -22.79
C GLU B 78 6.86 -35.17 -21.70
N GLY B 79 5.58 -35.38 -21.95
CA GLY B 79 4.52 -34.96 -21.02
C GLY B 79 3.87 -33.63 -21.38
N VAL B 80 4.45 -32.82 -22.26
CA VAL B 80 3.94 -31.52 -22.65
C VAL B 80 2.65 -31.58 -23.46
N THR B 81 1.64 -30.95 -22.87
CA THR B 81 0.30 -30.88 -23.44
C THR B 81 -0.11 -29.48 -23.92
N THR B 82 0.51 -28.38 -23.52
CA THR B 82 0.06 -27.06 -23.92
C THR B 82 0.55 -26.51 -25.27
N VAL B 83 1.73 -26.92 -25.69
CA VAL B 83 2.30 -26.44 -26.94
C VAL B 83 2.81 -27.61 -27.77
N LYS B 84 3.00 -27.39 -29.08
CA LYS B 84 3.44 -28.40 -30.02
C LYS B 84 4.37 -27.73 -31.01
N PRO B 85 5.31 -28.42 -31.67
CA PRO B 85 6.27 -27.83 -32.60
C PRO B 85 5.63 -26.96 -33.68
N GLY B 86 6.31 -25.89 -34.05
CA GLY B 86 5.78 -24.97 -35.05
C GLY B 86 4.92 -23.86 -34.46
N ASP B 87 4.47 -24.00 -33.21
CA ASP B 87 3.66 -22.96 -32.61
C ASP B 87 4.50 -21.74 -32.29
N LYS B 88 3.84 -20.61 -32.40
CA LYS B 88 4.44 -19.33 -32.08
C LYS B 88 4.30 -19.22 -30.57
N VAL B 89 5.37 -18.86 -29.85
CA VAL B 89 5.31 -18.76 -28.41
C VAL B 89 6.09 -17.58 -27.86
N ILE B 90 5.76 -17.18 -26.61
CA ILE B 90 6.43 -16.12 -25.85
C ILE B 90 6.81 -16.76 -24.49
N PRO B 91 8.11 -16.84 -24.11
CA PRO B 91 8.55 -17.33 -22.82
C PRO B 91 8.25 -16.24 -21.79
N LEU B 92 7.79 -16.65 -20.60
CA LEU B 92 7.39 -15.74 -19.52
C LEU B 92 8.42 -15.65 -18.44
N PHE B 93 8.90 -14.44 -18.06
CA PHE B 93 9.92 -14.37 -17.02
C PHE B 93 9.46 -14.73 -15.62
N THR B 94 8.15 -15.02 -15.45
CA THR B 94 7.52 -15.41 -14.21
C THR B 94 6.55 -16.52 -14.58
N PRO B 95 6.81 -17.70 -14.03
CA PRO B 95 5.99 -18.89 -14.29
C PRO B 95 4.57 -18.78 -13.72
N GLN B 96 3.66 -19.62 -14.19
CA GLN B 96 2.33 -19.69 -13.67
C GLN B 96 2.14 -21.20 -13.48
N CYS B 97 2.81 -21.85 -12.51
CA CYS B 97 2.69 -23.27 -12.20
C CYS B 97 1.28 -23.85 -12.02
N GLY B 98 0.24 -23.02 -11.98
CA GLY B 98 -1.14 -23.41 -11.80
C GLY B 98 -1.50 -24.04 -10.44
N LYS B 99 -0.57 -24.44 -9.58
CA LYS B 99 -0.96 -25.11 -8.36
C LYS B 99 -0.56 -24.54 -7.01
N CYS B 100 0.29 -23.53 -6.91
CA CYS B 100 0.72 -23.03 -5.63
C CYS B 100 -0.26 -22.01 -5.07
N ARG B 101 -0.05 -21.67 -3.77
CA ARG B 101 -0.81 -20.66 -3.00
C ARG B 101 -1.09 -19.42 -3.84
N VAL B 102 0.02 -18.76 -4.27
CA VAL B 102 -0.05 -17.57 -5.10
C VAL B 102 -0.91 -17.79 -6.32
N CYS B 103 -0.61 -18.85 -7.09
CA CYS B 103 -1.33 -19.21 -8.33
C CYS B 103 -2.80 -19.49 -8.13
N LYS B 104 -3.18 -20.01 -6.95
CA LYS B 104 -4.57 -20.29 -6.64
C LYS B 104 -5.36 -19.04 -6.24
N ASN B 105 -4.67 -18.08 -5.64
CA ASN B 105 -5.30 -16.85 -5.22
C ASN B 105 -5.53 -16.00 -6.46
N PRO B 106 -6.76 -15.57 -6.76
CA PRO B 106 -7.12 -14.79 -7.94
C PRO B 106 -6.51 -13.43 -8.11
N GLU B 107 -5.93 -12.89 -7.04
CA GLU B 107 -5.32 -11.58 -7.11
C GLU B 107 -3.84 -11.68 -7.42
N SER B 108 -3.13 -12.46 -6.63
CA SER B 108 -1.68 -12.60 -6.77
C SER B 108 -1.09 -13.31 -8.00
N ASN B 109 0.05 -12.86 -8.57
CA ASN B 109 0.63 -13.53 -9.73
C ASN B 109 2.09 -14.00 -9.54
N TYR B 110 2.81 -13.55 -8.51
CA TYR B 110 4.21 -13.94 -8.28
C TYR B 110 4.35 -15.40 -7.87
N CYS B 111 4.28 -16.30 -8.85
CA CYS B 111 4.38 -17.71 -8.56
C CYS B 111 5.67 -18.09 -7.87
N LEU B 112 5.51 -19.06 -6.99
CA LEU B 112 6.58 -19.60 -6.19
C LEU B 112 7.72 -20.26 -6.97
N LYS B 113 7.55 -20.73 -8.22
CA LYS B 113 8.62 -21.39 -8.98
C LYS B 113 9.60 -20.41 -9.62
N ASN B 114 9.31 -19.11 -9.53
CA ASN B 114 10.13 -18.07 -10.15
C ASN B 114 11.59 -18.08 -9.74
N ASP B 115 12.47 -17.43 -10.49
CA ASP B 115 13.87 -17.38 -10.10
C ASP B 115 14.33 -15.96 -9.75
N LEU B 116 13.35 -15.04 -9.67
CA LEU B 116 13.54 -13.60 -9.37
C LEU B 116 13.92 -13.45 -7.90
N GLY B 117 13.18 -14.18 -7.06
CA GLY B 117 13.38 -14.15 -5.62
C GLY B 117 14.82 -14.39 -5.21
N ASN B 118 15.22 -15.63 -5.13
CA ASN B 118 16.60 -15.92 -4.77
C ASN B 118 17.06 -16.58 -6.05
N PRO B 119 17.94 -15.99 -6.87
CA PRO B 119 18.36 -16.57 -8.14
C PRO B 119 19.34 -17.75 -8.05
N ARG B 120 18.88 -18.89 -8.61
CA ARG B 120 19.70 -20.10 -8.72
C ARG B 120 20.37 -20.20 -10.09
N GLY B 121 19.78 -19.61 -11.13
CA GLY B 121 20.36 -19.66 -12.45
C GLY B 121 20.18 -21.02 -13.13
N THR B 122 19.19 -21.80 -12.70
CA THR B 122 18.95 -23.09 -13.29
C THR B 122 17.53 -23.13 -13.81
N LEU B 123 17.01 -24.27 -14.23
CA LEU B 123 15.62 -24.37 -14.63
C LEU B 123 14.93 -24.92 -13.37
N GLN B 124 13.59 -25.04 -13.40
CA GLN B 124 12.86 -25.44 -12.22
C GLN B 124 13.28 -26.74 -11.58
N ASP B 125 13.95 -27.67 -12.28
CA ASP B 125 14.38 -28.87 -11.59
C ASP B 125 15.76 -28.76 -10.97
N GLY B 126 16.38 -27.59 -10.93
CA GLY B 126 17.68 -27.45 -10.31
C GLY B 126 18.85 -27.59 -11.27
N THR B 127 18.67 -27.98 -12.54
CA THR B 127 19.82 -28.11 -13.44
C THR B 127 19.86 -27.13 -14.62
N ARG B 128 21.06 -26.97 -15.20
CA ARG B 128 21.32 -26.10 -16.37
C ARG B 128 21.22 -26.92 -17.67
N ARG B 129 21.05 -26.26 -18.81
CA ARG B 129 20.89 -26.88 -20.12
C ARG B 129 21.92 -26.37 -21.14
N PHE B 130 22.92 -25.60 -20.72
CA PHE B 130 23.82 -25.00 -21.64
C PHE B 130 25.21 -25.28 -21.16
N THR B 131 26.08 -25.35 -22.16
CA THR B 131 27.50 -25.57 -21.99
C THR B 131 28.22 -24.69 -23.02
N CYS B 132 29.43 -24.32 -22.67
CA CYS B 132 30.28 -23.54 -23.53
C CYS B 132 31.64 -23.83 -22.95
N ARG B 133 32.57 -24.24 -23.85
CA ARG B 133 33.98 -24.59 -23.52
C ARG B 133 34.14 -25.56 -22.36
N GLY B 134 33.33 -26.61 -22.35
CA GLY B 134 33.44 -27.59 -21.26
C GLY B 134 32.96 -27.12 -19.89
N LYS B 135 32.40 -25.91 -19.80
CA LYS B 135 31.89 -25.33 -18.57
C LYS B 135 30.38 -25.14 -18.77
N PRO B 136 29.53 -25.38 -17.76
CA PRO B 136 28.09 -25.10 -17.84
C PRO B 136 27.86 -23.60 -17.56
N ILE B 137 26.86 -23.06 -18.23
CA ILE B 137 26.50 -21.66 -18.17
C ILE B 137 25.10 -21.59 -17.52
N HIS B 138 24.84 -20.52 -16.76
CA HIS B 138 23.55 -20.35 -16.07
C HIS B 138 22.52 -19.62 -16.90
N HIS B 139 21.28 -19.97 -16.51
CA HIS B 139 20.06 -19.39 -17.07
C HIS B 139 19.72 -18.10 -16.32
N PHE B 140 18.94 -17.19 -16.92
CA PHE B 140 18.55 -15.93 -16.30
C PHE B 140 17.06 -15.90 -16.37
N LEU B 141 16.52 -15.91 -15.13
CA LEU B 141 15.09 -15.88 -14.84
C LEU B 141 14.35 -16.99 -15.52
N GLY B 142 15.06 -18.12 -15.67
CA GLY B 142 14.54 -19.31 -16.33
C GLY B 142 14.27 -19.10 -17.81
N THR B 143 14.63 -17.98 -18.43
CA THR B 143 14.32 -17.79 -19.84
C THR B 143 15.51 -17.77 -20.82
N SER B 144 16.62 -17.09 -20.44
CA SER B 144 17.84 -16.95 -21.23
C SER B 144 17.61 -16.84 -22.74
N THR B 145 16.98 -15.76 -23.21
CA THR B 145 16.70 -15.61 -24.60
C THR B 145 17.80 -14.98 -25.45
N PHE B 146 19.01 -14.62 -24.99
CA PHE B 146 20.02 -14.09 -25.91
C PHE B 146 20.81 -15.27 -26.54
N SER B 147 20.10 -16.18 -27.17
CA SER B 147 20.67 -17.40 -27.71
C SER B 147 19.73 -17.73 -28.83
N GLN B 148 20.26 -18.42 -29.84
CA GLN B 148 19.46 -18.77 -31.00
C GLN B 148 18.41 -19.81 -30.66
N TYR B 149 18.70 -20.60 -29.63
CA TYR B 149 17.81 -21.65 -29.16
C TYR B 149 17.90 -21.59 -27.64
N THR B 150 16.83 -21.94 -26.92
CA THR B 150 16.84 -21.97 -25.46
C THR B 150 15.84 -23.04 -25.03
N VAL B 151 15.90 -23.48 -23.78
CA VAL B 151 15.00 -24.52 -23.24
C VAL B 151 14.30 -23.86 -22.03
N VAL B 152 12.98 -23.97 -21.97
CA VAL B 152 12.16 -23.38 -20.92
C VAL B 152 11.23 -24.41 -20.25
N ASP B 153 10.65 -24.19 -19.07
CA ASP B 153 9.71 -25.12 -18.42
C ASP B 153 8.34 -24.89 -19.03
N GLU B 154 7.46 -25.89 -19.15
CA GLU B 154 6.15 -25.72 -19.78
C GLU B 154 5.29 -24.64 -19.13
N ASN B 155 5.24 -24.55 -17.78
CA ASN B 155 4.45 -23.53 -17.07
C ASN B 155 4.98 -22.09 -17.22
N ALA B 156 5.96 -21.84 -18.12
CA ALA B 156 6.54 -20.53 -18.37
C ALA B 156 6.51 -20.26 -19.85
N VAL B 157 5.56 -20.84 -20.57
CA VAL B 157 5.47 -20.62 -22.00
C VAL B 157 4.05 -20.38 -22.41
N ALA B 158 3.79 -19.42 -23.30
CA ALA B 158 2.43 -19.17 -23.74
C ALA B 158 2.25 -19.31 -25.25
N LYS B 159 1.14 -19.92 -25.70
CA LYS B 159 0.87 -20.12 -27.10
C LYS B 159 0.09 -18.92 -27.58
N ILE B 160 0.74 -18.10 -28.40
CA ILE B 160 0.11 -16.89 -28.91
C ILE B 160 -0.57 -17.16 -30.26
N ASP B 161 -0.91 -16.12 -31.03
CA ASP B 161 -1.62 -16.31 -32.29
C ASP B 161 -0.68 -16.69 -33.42
N ALA B 162 -1.17 -17.61 -34.25
CA ALA B 162 -0.43 -18.09 -35.40
C ALA B 162 0.05 -17.00 -36.36
N ALA B 163 -0.73 -15.95 -36.56
CA ALA B 163 -0.36 -14.87 -37.45
C ALA B 163 0.40 -13.72 -36.77
N SER B 164 0.90 -13.90 -35.57
CA SER B 164 1.55 -12.80 -34.87
C SER B 164 2.90 -12.31 -35.36
N PRO B 165 3.03 -11.02 -35.69
CA PRO B 165 4.29 -10.41 -36.09
C PRO B 165 5.27 -10.49 -34.92
N LEU B 166 6.04 -11.58 -34.84
CA LEU B 166 6.97 -11.83 -33.75
C LEU B 166 8.06 -10.80 -33.50
N GLU B 167 8.14 -9.76 -34.33
CA GLU B 167 9.16 -8.73 -34.16
C GLU B 167 8.53 -7.54 -33.44
N LYS B 168 7.19 -7.53 -33.36
CA LYS B 168 6.44 -6.48 -32.69
C LYS B 168 5.99 -7.13 -31.37
N VAL B 169 5.03 -8.09 -31.43
CA VAL B 169 4.50 -8.82 -30.28
C VAL B 169 5.58 -9.22 -29.24
N CYS B 170 6.89 -9.36 -29.51
CA CYS B 170 7.82 -9.76 -28.47
C CYS B 170 7.86 -8.78 -27.27
N LEU B 171 7.45 -7.52 -27.50
CA LEU B 171 7.37 -6.48 -26.48
C LEU B 171 6.37 -6.85 -25.37
N ILE B 172 5.31 -7.57 -25.72
CA ILE B 172 4.31 -8.00 -24.76
C ILE B 172 4.97 -8.92 -23.73
N GLY B 173 6.04 -9.66 -24.05
CA GLY B 173 6.73 -10.54 -23.11
C GLY B 173 7.35 -9.86 -21.88
N CYS B 174 7.38 -8.53 -21.73
CA CYS B 174 7.92 -7.85 -20.55
C CYS B 174 7.51 -6.38 -20.66
N GLY B 175 8.29 -5.41 -21.15
CA GLY B 175 7.96 -3.98 -21.27
C GLY B 175 6.48 -3.59 -21.36
N PHE B 176 5.77 -4.02 -22.37
CA PHE B 176 4.38 -3.63 -22.51
C PHE B 176 3.51 -4.24 -21.43
N SER B 177 3.59 -5.56 -21.18
CA SER B 177 2.77 -6.17 -20.16
C SER B 177 2.88 -5.53 -18.77
N THR B 178 4.13 -5.28 -18.41
CA THR B 178 4.50 -4.68 -17.15
C THR B 178 3.87 -3.28 -16.99
N GLY B 179 4.26 -2.30 -17.81
CA GLY B 179 3.76 -0.94 -17.75
C GLY B 179 2.26 -0.81 -17.91
N TYR B 180 1.64 -1.40 -18.92
CA TYR B 180 0.19 -1.29 -19.13
C TYR B 180 -0.58 -1.92 -17.98
N GLY B 181 -0.12 -3.09 -17.53
CA GLY B 181 -0.77 -3.83 -16.46
C GLY B 181 -0.67 -3.11 -15.16
N SER B 182 0.39 -2.35 -14.95
CA SER B 182 0.53 -1.62 -13.72
C SER B 182 -0.63 -0.64 -13.62
N ALA B 183 -0.88 0.12 -14.67
CA ALA B 183 -1.96 1.08 -14.66
C ALA B 183 -3.33 0.48 -14.50
N VAL B 184 -3.62 -0.50 -15.35
CA VAL B 184 -4.94 -1.12 -15.39
C VAL B 184 -5.18 -2.25 -14.40
N ASN B 185 -4.17 -2.79 -13.71
CA ASN B 185 -4.41 -3.91 -12.80
C ASN B 185 -3.89 -3.71 -11.39
N VAL B 186 -2.77 -2.99 -11.22
CA VAL B 186 -2.23 -2.81 -9.89
C VAL B 186 -2.82 -1.51 -9.36
N ALA B 187 -2.59 -0.36 -10.00
CA ALA B 187 -3.16 0.88 -9.52
C ALA B 187 -4.67 0.96 -9.70
N LYS B 188 -5.17 0.42 -10.80
CA LYS B 188 -6.59 0.41 -11.11
C LYS B 188 -7.17 1.81 -11.26
N VAL B 189 -6.41 2.61 -12.06
CA VAL B 189 -6.70 3.99 -12.43
C VAL B 189 -8.18 4.11 -12.78
N THR B 190 -8.80 5.10 -12.16
CA THR B 190 -10.21 5.34 -12.30
C THR B 190 -10.52 6.37 -13.38
N PRO B 191 -11.59 6.26 -14.16
CA PRO B 191 -11.95 7.26 -15.15
C PRO B 191 -12.11 8.62 -14.49
N GLY B 192 -11.37 9.58 -15.04
CA GLY B 192 -11.40 10.94 -14.57
C GLY B 192 -10.19 11.25 -13.72
N SER B 193 -9.50 10.27 -13.11
CA SER B 193 -8.36 10.56 -12.25
C SER B 193 -7.14 11.31 -12.79
N THR B 194 -6.15 11.58 -11.96
CA THR B 194 -4.96 12.27 -12.40
C THR B 194 -3.77 11.44 -11.99
N CYS B 195 -3.00 11.02 -13.01
CA CYS B 195 -1.82 10.20 -12.79
C CYS B 195 -0.52 10.92 -13.15
N ALA B 196 0.57 10.51 -12.51
CA ALA B 196 1.88 11.02 -12.84
C ALA B 196 2.73 9.75 -13.10
N VAL B 197 3.59 9.73 -14.16
CA VAL B 197 4.46 8.61 -14.48
C VAL B 197 5.91 9.10 -14.46
N PHE B 198 6.79 8.55 -13.65
CA PHE B 198 8.19 8.95 -13.58
C PHE B 198 9.06 7.96 -14.35
N GLY B 199 9.56 8.31 -15.53
CA GLY B 199 10.41 7.42 -16.29
C GLY B 199 9.77 7.18 -17.60
N LEU B 200 10.42 7.68 -18.64
CA LEU B 200 9.82 7.47 -19.95
C LEU B 200 10.70 6.58 -20.84
N GLY B 201 10.77 5.35 -20.37
CA GLY B 201 11.47 4.33 -21.09
C GLY B 201 10.43 3.51 -21.82
N GLY B 202 10.77 2.25 -22.05
CA GLY B 202 9.86 1.37 -22.74
C GLY B 202 8.69 0.99 -21.88
N VAL B 203 9.00 0.73 -20.61
CA VAL B 203 7.95 0.34 -19.66
C VAL B 203 7.13 1.59 -19.27
N GLY B 204 7.82 2.68 -18.94
CA GLY B 204 7.24 3.97 -18.60
C GLY B 204 6.22 4.42 -19.64
N LEU B 205 6.49 4.42 -20.96
CA LEU B 205 5.48 4.86 -21.93
C LEU B 205 4.29 3.91 -22.06
N SER B 206 4.48 2.69 -21.57
CA SER B 206 3.42 1.70 -21.62
C SER B 206 2.52 2.02 -20.42
N ALA B 207 3.08 2.64 -19.36
CA ALA B 207 2.24 3.07 -18.23
C ALA B 207 1.38 4.25 -18.75
N VAL B 208 1.98 5.24 -19.48
CA VAL B 208 1.23 6.37 -20.08
C VAL B 208 0.03 5.80 -20.87
N MET B 209 0.24 4.81 -21.74
CA MET B 209 -0.84 4.17 -22.48
C MET B 209 -1.91 3.56 -21.58
N GLY B 210 -1.55 2.84 -20.51
CA GLY B 210 -2.55 2.24 -19.63
C GLY B 210 -3.39 3.31 -18.90
N CYS B 211 -2.76 4.38 -18.39
CA CYS B 211 -3.47 5.46 -17.70
C CYS B 211 -4.47 6.03 -18.71
N LYS B 212 -4.16 6.18 -20.02
CA LYS B 212 -5.16 6.67 -20.99
C LYS B 212 -6.19 5.58 -21.29
N ALA B 213 -5.85 4.30 -21.24
CA ALA B 213 -6.83 3.23 -21.48
C ALA B 213 -7.81 3.13 -20.31
N ALA B 214 -7.40 3.49 -19.09
CA ALA B 214 -8.27 3.44 -17.93
C ALA B 214 -9.09 4.72 -17.84
N GLY B 215 -8.69 5.74 -18.58
CA GLY B 215 -9.41 6.99 -18.63
C GLY B 215 -8.92 8.09 -17.70
N ALA B 216 -7.67 8.08 -17.28
CA ALA B 216 -7.19 9.15 -16.40
C ALA B 216 -7.34 10.44 -17.19
N ALA B 217 -7.87 11.51 -16.58
CA ALA B 217 -8.06 12.76 -17.28
C ALA B 217 -6.77 13.54 -17.45
N ARG B 218 -5.76 13.42 -16.60
CA ARG B 218 -4.49 14.13 -16.77
C ARG B 218 -3.37 13.14 -16.55
N ILE B 219 -2.41 13.03 -17.47
CA ILE B 219 -1.30 12.10 -17.33
C ILE B 219 -0.09 12.98 -17.44
N ILE B 220 0.65 13.18 -16.36
CA ILE B 220 1.84 14.00 -16.34
C ILE B 220 3.05 13.06 -16.40
N ALA B 221 3.90 13.27 -17.41
CA ALA B 221 5.09 12.49 -17.68
C ALA B 221 6.35 13.19 -17.14
N VAL B 222 7.24 12.52 -16.41
CA VAL B 222 8.41 13.15 -15.83
C VAL B 222 9.66 12.44 -16.38
N ASP B 223 10.65 13.15 -16.95
CA ASP B 223 11.89 12.55 -17.42
C ASP B 223 12.94 13.63 -17.58
N ILE B 224 14.19 13.30 -17.25
CA ILE B 224 15.26 14.27 -17.44
C ILE B 224 15.71 14.27 -18.91
N ASN B 225 15.18 13.41 -19.77
CA ASN B 225 15.55 13.34 -21.18
C ASN B 225 14.37 13.88 -21.95
N LYS B 226 14.54 15.11 -22.41
CA LYS B 226 13.51 15.79 -23.18
C LYS B 226 13.12 15.14 -24.49
N ASP B 227 13.98 14.32 -25.10
CA ASP B 227 13.64 13.70 -26.39
C ASP B 227 12.55 12.62 -26.33
N LYS B 228 12.16 12.22 -25.11
CA LYS B 228 11.12 11.21 -24.90
C LYS B 228 9.72 11.82 -24.87
N PHE B 229 9.61 13.11 -24.51
CA PHE B 229 8.33 13.83 -24.36
C PHE B 229 7.34 13.73 -25.53
N ALA B 230 7.84 13.88 -26.76
CA ALA B 230 7.05 13.80 -27.97
C ALA B 230 6.29 12.47 -28.12
N LYS B 231 6.96 11.39 -27.73
CA LYS B 231 6.32 10.08 -27.81
C LYS B 231 5.29 10.00 -26.70
N ALA B 232 5.64 10.46 -25.48
CA ALA B 232 4.74 10.47 -24.31
C ALA B 232 3.42 11.15 -24.67
N LYS B 233 3.55 12.34 -25.27
CA LYS B 233 2.43 13.13 -25.75
C LYS B 233 1.65 12.29 -26.71
N GLU B 234 2.30 11.77 -27.75
CA GLU B 234 1.70 10.93 -28.78
C GLU B 234 0.87 9.80 -28.19
N LEU B 235 1.45 9.14 -27.18
CA LEU B 235 0.80 8.03 -26.53
C LEU B 235 -0.25 8.39 -25.47
N GLY B 236 -0.36 9.64 -24.99
CA GLY B 236 -1.39 9.99 -24.04
C GLY B 236 -1.05 11.07 -23.03
N ALA B 237 0.20 11.24 -22.61
CA ALA B 237 0.53 12.24 -21.61
C ALA B 237 0.08 13.66 -21.94
N THR B 238 -0.81 14.17 -21.09
CA THR B 238 -1.37 15.50 -21.24
C THR B 238 -0.28 16.55 -20.99
N GLU B 239 0.87 16.29 -20.36
CA GLU B 239 1.91 17.29 -20.16
C GLU B 239 3.16 16.59 -19.67
N CYS B 240 4.32 17.15 -20.03
CA CYS B 240 5.60 16.54 -19.75
C CYS B 240 6.42 17.46 -18.91
N ILE B 241 7.12 16.99 -17.90
CA ILE B 241 7.88 17.82 -16.97
C ILE B 241 9.30 17.28 -16.93
N ASN B 242 10.29 18.14 -16.73
CA ASN B 242 11.68 17.77 -16.62
C ASN B 242 12.17 18.42 -15.35
N PRO B 243 12.49 17.63 -14.33
CA PRO B 243 12.97 18.10 -13.07
C PRO B 243 14.18 19.01 -13.10
N GLN B 244 14.86 19.27 -14.20
CA GLN B 244 16.02 20.14 -14.12
C GLN B 244 15.71 21.57 -14.45
N ASP B 245 14.49 21.80 -14.98
CA ASP B 245 14.01 23.14 -15.25
C ASP B 245 13.62 23.83 -13.94
N TYR B 246 13.52 23.07 -12.84
CA TYR B 246 13.08 23.60 -11.58
C TYR B 246 14.19 23.82 -10.56
N LYS B 247 13.87 24.78 -9.70
CA LYS B 247 14.76 25.15 -8.63
C LYS B 247 14.15 24.70 -7.29
N LYS B 248 12.98 24.05 -7.37
CA LYS B 248 12.19 23.57 -6.24
C LYS B 248 12.02 22.06 -6.43
N PRO B 249 11.86 21.20 -5.40
CA PRO B 249 11.69 19.76 -5.54
C PRO B 249 10.49 19.39 -6.38
N ILE B 250 10.70 18.39 -7.23
CA ILE B 250 9.69 17.90 -8.15
C ILE B 250 8.40 17.49 -7.47
N GLN B 251 8.38 16.78 -6.34
CA GLN B 251 7.11 16.44 -5.68
C GLN B 251 6.40 17.73 -5.25
N GLU B 252 7.11 18.78 -4.80
CA GLU B 252 6.45 20.05 -4.44
C GLU B 252 5.78 20.64 -5.68
N VAL B 253 6.54 20.75 -6.80
CA VAL B 253 6.08 21.26 -8.10
C VAL B 253 4.77 20.56 -8.48
N LEU B 254 4.78 19.24 -8.31
CA LEU B 254 3.65 18.41 -8.62
C LEU B 254 2.43 18.61 -7.77
N LYS B 255 2.60 18.74 -6.45
CA LYS B 255 1.44 18.97 -5.58
C LYS B 255 0.81 20.31 -5.91
N GLU B 256 1.63 21.34 -6.07
CA GLU B 256 1.16 22.68 -6.43
C GLU B 256 0.38 22.64 -7.73
N MET B 257 0.75 21.75 -8.63
CA MET B 257 0.10 21.61 -9.92
C MET B 257 -1.20 20.81 -9.85
N THR B 258 -1.46 20.02 -8.82
CA THR B 258 -2.66 19.19 -8.82
C THR B 258 -3.65 19.31 -7.68
N ASP B 259 -3.56 20.33 -6.84
CA ASP B 259 -4.43 20.57 -5.68
C ASP B 259 -4.01 19.66 -4.54
N GLY B 260 -2.71 19.63 -4.30
CA GLY B 260 -2.20 18.80 -3.22
C GLY B 260 -1.67 17.43 -3.62
N GLY B 261 -1.79 16.96 -4.86
CA GLY B 261 -1.19 15.69 -5.22
C GLY B 261 -1.87 14.93 -6.34
N VAL B 262 -1.21 13.89 -6.86
CA VAL B 262 -1.87 13.13 -7.89
C VAL B 262 -2.65 11.97 -7.31
N ASP B 263 -3.68 11.52 -8.01
CA ASP B 263 -4.41 10.36 -7.54
C ASP B 263 -3.58 9.08 -7.62
N PHE B 264 -2.88 8.86 -8.75
CA PHE B 264 -2.03 7.67 -8.97
C PHE B 264 -0.64 8.06 -9.44
N SER B 265 0.43 7.65 -8.77
CA SER B 265 1.80 7.93 -9.16
C SER B 265 2.42 6.53 -9.45
N PHE B 266 3.45 6.48 -10.35
CA PHE B 266 4.17 5.27 -10.84
C PHE B 266 5.67 5.45 -10.91
N GLU B 267 6.60 4.74 -10.26
CA GLU B 267 8.00 5.03 -10.52
C GLU B 267 8.55 3.93 -11.45
N VAL B 268 8.83 4.20 -12.74
CA VAL B 268 9.32 3.21 -13.68
C VAL B 268 10.77 3.54 -14.07
N ILE B 269 11.69 3.52 -13.14
CA ILE B 269 13.06 3.92 -13.38
C ILE B 269 13.95 3.01 -12.53
N GLY B 270 13.90 3.16 -11.21
CA GLY B 270 14.69 2.31 -10.33
C GLY B 270 15.62 3.10 -9.45
N ARG B 271 15.44 4.39 -9.13
CA ARG B 271 16.41 5.01 -8.23
C ARG B 271 15.60 5.20 -6.94
N LEU B 272 16.27 5.22 -5.80
CA LEU B 272 15.55 5.39 -4.54
C LEU B 272 14.98 6.81 -4.43
N ASP B 273 15.74 7.81 -4.87
CA ASP B 273 15.31 9.19 -4.78
C ASP B 273 13.97 9.44 -5.48
N THR B 274 13.76 8.84 -6.62
CA THR B 274 12.55 8.99 -7.41
C THR B 274 11.43 8.16 -6.83
N MET B 275 11.74 7.13 -6.04
CA MET B 275 10.69 6.32 -5.45
C MET B 275 10.07 7.19 -4.34
N MET B 276 10.94 7.92 -3.62
CA MET B 276 10.51 8.82 -2.60
C MET B 276 9.62 9.90 -3.20
N ALA B 277 10.12 10.68 -4.17
CA ALA B 277 9.33 11.72 -4.82
C ALA B 277 8.00 11.22 -5.40
N SER B 278 7.91 9.93 -5.74
CA SER B 278 6.69 9.36 -6.29
C SER B 278 5.69 9.04 -5.16
N LEU B 279 6.15 8.79 -3.92
CA LEU B 279 5.21 8.57 -2.84
C LEU B 279 4.64 9.95 -2.43
N LEU B 280 5.56 10.86 -2.14
CA LEU B 280 5.24 12.21 -1.71
C LEU B 280 4.32 13.07 -2.57
N CYS B 281 4.31 12.88 -3.88
CA CYS B 281 3.52 13.69 -4.77
C CYS B 281 2.16 13.14 -4.93
N CYS B 282 1.79 11.94 -4.43
CA CYS B 282 0.38 11.58 -4.61
C CYS B 282 -0.33 12.18 -3.38
N HIS B 283 -1.64 12.44 -3.47
CA HIS B 283 -2.35 13.09 -2.39
C HIS B 283 -2.39 12.24 -1.13
N GLU B 284 -2.02 12.87 0.01
CA GLU B 284 -1.97 12.23 1.34
C GLU B 284 -3.19 11.52 1.85
N ALA B 285 -4.36 11.86 1.34
CA ALA B 285 -5.56 11.19 1.82
C ALA B 285 -6.25 10.26 0.85
N CYS B 286 -5.82 10.26 -0.40
CA CYS B 286 -6.48 9.44 -1.38
C CYS B 286 -5.58 8.97 -2.50
N GLY B 287 -4.26 9.11 -2.41
CA GLY B 287 -3.47 8.66 -3.53
C GLY B 287 -2.87 7.29 -3.32
N THR B 288 -2.67 6.59 -4.44
CA THR B 288 -2.02 5.28 -4.50
C THR B 288 -0.72 5.50 -5.27
N SER B 289 0.44 5.07 -4.76
CA SER B 289 1.72 5.20 -5.41
C SER B 289 2.17 3.77 -5.77
N VAL B 290 2.62 3.41 -7.00
CA VAL B 290 3.06 2.03 -7.32
C VAL B 290 4.53 1.99 -7.80
N ILE B 291 5.35 1.11 -7.20
CA ILE B 291 6.75 0.91 -7.58
C ILE B 291 6.73 -0.14 -8.72
N VAL B 292 7.38 0.22 -9.84
CA VAL B 292 7.48 -0.65 -11.02
C VAL B 292 8.97 -0.93 -11.24
N GLY B 293 9.83 0.08 -11.18
CA GLY B 293 11.26 -0.03 -11.38
C GLY B 293 11.87 -1.02 -10.41
N VAL B 294 13.10 -1.50 -10.67
CA VAL B 294 13.74 -2.46 -9.77
C VAL B 294 14.87 -1.68 -9.10
N PRO B 295 14.88 -1.58 -7.78
CA PRO B 295 15.87 -0.83 -7.01
C PRO B 295 17.28 -1.40 -7.00
N PRO B 296 18.34 -0.63 -6.77
CA PRO B 296 19.70 -1.15 -6.70
C PRO B 296 19.77 -2.06 -5.50
N ALA B 297 20.35 -3.24 -5.73
CA ALA B 297 20.52 -4.23 -4.69
C ALA B 297 21.06 -3.65 -3.37
N SER B 298 20.26 -3.99 -2.34
CA SER B 298 20.50 -3.65 -0.94
C SER B 298 20.59 -2.18 -0.49
N GLN B 299 19.73 -1.30 -1.00
CA GLN B 299 19.74 0.09 -0.59
C GLN B 299 18.42 0.35 0.15
N ASN B 300 18.40 1.19 1.18
CA ASN B 300 17.16 1.39 1.92
C ASN B 300 16.58 2.77 2.00
N LEU B 301 15.26 2.86 1.97
CA LEU B 301 14.56 4.14 2.10
C LEU B 301 14.23 4.49 3.55
N SER B 302 14.42 5.71 4.06
CA SER B 302 14.02 6.03 5.42
C SER B 302 12.70 6.76 5.24
N ILE B 303 11.61 6.18 5.68
CA ILE B 303 10.33 6.86 5.55
C ILE B 303 9.63 7.05 6.91
N ASN B 304 8.68 7.98 6.96
CA ASN B 304 7.94 8.28 8.18
C ASN B 304 6.58 7.63 8.02
N PRO B 305 6.11 6.78 8.98
CA PRO B 305 4.82 6.08 8.87
C PRO B 305 3.64 7.03 8.76
N MET B 306 3.75 8.29 9.27
CA MET B 306 2.67 9.25 9.13
C MET B 306 2.33 9.53 7.68
N LEU B 307 3.29 9.33 6.75
CA LEU B 307 3.01 9.54 5.31
C LEU B 307 1.97 8.57 4.83
N LEU B 308 1.83 7.45 5.51
CA LEU B 308 0.82 6.48 5.16
C LEU B 308 -0.48 6.61 5.92
N LEU B 309 -0.39 6.93 7.23
CA LEU B 309 -1.56 7.07 8.12
C LEU B 309 -2.65 7.96 7.60
N THR B 310 -2.37 9.01 6.86
CA THR B 310 -3.43 9.89 6.41
C THR B 310 -4.32 9.29 5.37
N GLY B 311 -3.83 8.34 4.57
CA GLY B 311 -4.65 7.68 3.55
C GLY B 311 -3.90 7.20 2.32
N ARG B 312 -2.59 6.98 2.34
CA ARG B 312 -1.86 6.54 1.16
C ARG B 312 -1.69 5.05 1.04
N THR B 313 -1.78 4.52 -0.18
CA THR B 313 -1.53 3.13 -0.46
C THR B 313 -0.22 3.07 -1.25
N TRP B 314 0.76 2.23 -0.82
CA TRP B 314 2.08 2.00 -1.45
C TRP B 314 2.09 0.51 -1.74
N LYS B 315 2.48 0.12 -2.96
CA LYS B 315 2.53 -1.27 -3.37
C LYS B 315 3.48 -1.42 -4.53
N GLY B 316 3.78 -2.68 -4.83
CA GLY B 316 4.63 -3.08 -5.94
C GLY B 316 3.90 -4.20 -6.67
N ALA B 317 4.47 -4.67 -7.77
CA ALA B 317 3.98 -5.79 -8.56
C ALA B 317 5.00 -6.13 -9.64
N VAL B 318 4.91 -7.37 -10.11
CA VAL B 318 5.76 -7.92 -11.14
C VAL B 318 4.81 -8.23 -12.30
N TYR B 319 5.22 -8.06 -13.58
CA TYR B 319 4.37 -8.37 -14.74
C TYR B 319 3.04 -7.63 -14.86
N GLY B 320 2.96 -6.47 -14.18
CA GLY B 320 1.78 -5.63 -14.14
C GLY B 320 0.63 -6.46 -13.64
N GLY B 321 0.92 -7.34 -12.67
CA GLY B 321 -0.07 -8.21 -12.05
C GLY B 321 -0.84 -9.10 -12.99
N PHE B 322 -0.35 -9.37 -14.20
CA PHE B 322 -1.01 -10.25 -15.14
C PHE B 322 -0.62 -11.66 -14.70
N LYS B 323 -1.48 -12.67 -14.78
CA LYS B 323 -1.02 -14.02 -14.48
C LYS B 323 -0.57 -14.41 -15.90
N SER B 324 0.74 -14.65 -16.02
CA SER B 324 1.44 -14.93 -17.26
C SER B 324 0.92 -15.90 -18.31
N LYS B 325 0.56 -17.16 -18.03
CA LYS B 325 0.10 -18.00 -19.12
C LYS B 325 -1.27 -17.64 -19.63
N GLU B 326 -2.12 -17.01 -18.81
CA GLU B 326 -3.44 -16.66 -19.28
C GLU B 326 -3.53 -15.24 -19.87
N GLY B 327 -2.81 -14.31 -19.24
CA GLY B 327 -2.82 -12.91 -19.60
C GLY B 327 -2.15 -12.56 -20.92
N ILE B 328 -0.94 -13.08 -21.12
CA ILE B 328 -0.19 -12.77 -22.33
C ILE B 328 -0.92 -13.15 -23.60
N PRO B 329 -1.52 -14.32 -23.82
CA PRO B 329 -2.31 -14.54 -25.01
C PRO B 329 -3.45 -13.53 -25.13
N LYS B 330 -4.23 -13.25 -24.07
CA LYS B 330 -5.35 -12.30 -24.09
C LYS B 330 -4.90 -10.96 -24.65
N LEU B 331 -3.74 -10.47 -24.23
CA LEU B 331 -3.19 -9.23 -24.73
C LEU B 331 -2.85 -9.30 -26.22
N VAL B 332 -2.19 -10.39 -26.68
CA VAL B 332 -1.84 -10.58 -28.08
C VAL B 332 -3.11 -10.62 -28.89
N ALA B 333 -4.17 -11.27 -28.40
CA ALA B 333 -5.42 -11.33 -29.12
C ALA B 333 -5.92 -9.89 -29.25
N ASP B 334 -5.84 -9.04 -28.21
CA ASP B 334 -6.29 -7.66 -28.33
C ASP B 334 -5.40 -6.88 -29.28
N PHE B 335 -4.09 -7.15 -29.34
CA PHE B 335 -3.17 -6.48 -30.27
C PHE B 335 -3.64 -6.82 -31.69
N MET B 336 -3.85 -8.11 -31.96
CA MET B 336 -4.32 -8.59 -33.25
C MET B 336 -5.70 -8.05 -33.55
N ALA B 337 -6.50 -7.75 -32.52
CA ALA B 337 -7.82 -7.21 -32.71
C ALA B 337 -7.78 -5.70 -32.84
N LYS B 338 -6.61 -5.14 -33.16
CA LYS B 338 -6.36 -3.71 -33.35
C LYS B 338 -6.69 -2.80 -32.16
N LYS B 339 -6.58 -3.32 -30.93
CA LYS B 339 -6.85 -2.50 -29.75
C LYS B 339 -5.71 -1.57 -29.43
N PHE B 340 -4.47 -1.80 -29.82
CA PHE B 340 -3.38 -0.89 -29.49
C PHE B 340 -2.27 -1.12 -30.49
N SER B 341 -1.24 -0.28 -30.51
CA SER B 341 -0.17 -0.42 -31.46
C SER B 341 1.14 -0.42 -30.69
N LEU B 342 2.06 -1.31 -31.04
CA LEU B 342 3.36 -1.38 -30.38
C LEU B 342 4.42 -0.64 -31.17
N ASP B 343 4.03 -0.04 -32.28
CA ASP B 343 4.97 0.64 -33.17
C ASP B 343 5.88 1.68 -32.58
N ALA B 344 5.33 2.69 -31.92
CA ALA B 344 6.11 3.79 -31.35
C ALA B 344 7.21 3.45 -30.35
N LEU B 345 7.13 2.26 -29.77
CA LEU B 345 8.11 1.86 -28.77
C LEU B 345 9.39 1.29 -29.37
N ILE B 346 9.33 0.77 -30.61
CA ILE B 346 10.50 0.19 -31.25
C ILE B 346 11.17 1.30 -32.05
N THR B 347 12.42 1.51 -31.69
CA THR B 347 13.26 2.52 -32.28
C THR B 347 14.49 2.06 -33.07
N HIS B 348 14.96 0.81 -32.91
CA HIS B 348 16.14 0.30 -33.60
C HIS B 348 15.90 -1.19 -33.66
N VAL B 349 16.27 -1.81 -34.78
CA VAL B 349 16.15 -3.23 -35.01
C VAL B 349 17.54 -3.52 -35.51
N LEU B 350 18.28 -4.29 -34.75
CA LEU B 350 19.63 -4.63 -35.12
C LEU B 350 19.66 -6.15 -35.35
N PRO B 351 20.66 -6.73 -36.05
CA PRO B 351 20.80 -8.19 -36.15
C PRO B 351 21.43 -8.64 -34.82
N PHE B 352 21.06 -9.79 -34.25
CA PHE B 352 21.57 -10.29 -32.98
C PHE B 352 23.07 -10.10 -32.75
N GLU B 353 23.86 -10.30 -33.81
CA GLU B 353 25.31 -10.20 -33.75
C GLU B 353 25.73 -8.84 -33.20
N LYS B 354 24.91 -7.81 -33.33
CA LYS B 354 25.29 -6.53 -32.76
C LYS B 354 24.67 -6.18 -31.41
N ILE B 355 24.34 -7.16 -30.56
CA ILE B 355 23.78 -6.96 -29.24
C ILE B 355 24.59 -5.95 -28.39
N ASN B 356 25.93 -5.93 -28.38
CA ASN B 356 26.67 -4.94 -27.58
C ASN B 356 26.38 -3.50 -28.02
N GLU B 357 25.99 -3.30 -29.28
CA GLU B 357 25.67 -2.00 -29.85
C GLU B 357 24.32 -1.54 -29.32
N GLY B 358 23.39 -2.50 -29.21
CA GLY B 358 22.04 -2.28 -28.69
C GLY B 358 22.09 -1.84 -27.23
N PHE B 359 23.04 -2.37 -26.46
CA PHE B 359 23.18 -1.97 -25.07
C PHE B 359 23.73 -0.56 -25.00
N ASP B 360 24.57 -0.16 -25.97
CA ASP B 360 25.13 1.19 -25.97
C ASP B 360 24.05 2.23 -26.25
N LEU B 361 23.12 1.96 -27.15
CA LEU B 361 22.03 2.85 -27.49
C LEU B 361 21.16 3.19 -26.30
N LEU B 362 20.95 2.14 -25.48
CA LEU B 362 20.19 2.22 -24.25
C LEU B 362 20.99 3.18 -23.38
N HIS B 363 22.24 2.84 -23.13
CA HIS B 363 23.12 3.63 -22.30
C HIS B 363 23.32 5.09 -22.70
N SER B 364 23.01 5.49 -23.93
CA SER B 364 23.18 6.86 -24.33
C SER B 364 21.84 7.61 -24.33
N GLY B 365 20.71 6.89 -24.32
CA GLY B 365 19.39 7.49 -24.28
C GLY B 365 18.74 7.79 -25.61
N LYS B 366 19.17 7.11 -26.68
CA LYS B 366 18.59 7.36 -28.00
C LYS B 366 17.48 6.37 -28.37
N SER B 367 17.33 5.31 -27.59
CA SER B 367 16.36 4.28 -27.90
C SER B 367 15.24 4.10 -26.88
N ILE B 368 14.04 3.71 -27.32
CA ILE B 368 12.99 3.38 -26.39
C ILE B 368 13.39 1.90 -26.45
N ARG B 369 12.80 1.05 -27.31
CA ARG B 369 13.20 -0.35 -27.39
C ARG B 369 14.02 -0.63 -28.64
N THR B 370 15.07 -1.44 -28.46
CA THR B 370 15.92 -1.95 -29.53
C THR B 370 15.58 -3.45 -29.62
N VAL B 371 15.19 -3.87 -30.82
CA VAL B 371 14.84 -5.25 -31.10
C VAL B 371 16.01 -5.92 -31.83
N LEU B 372 16.40 -7.10 -31.37
CA LEU B 372 17.46 -7.86 -31.99
C LEU B 372 16.75 -9.00 -32.71
N THR B 373 17.04 -9.15 -34.00
CA THR B 373 16.47 -10.25 -34.76
C THR B 373 17.54 -11.30 -35.08
N PHE B 374 17.07 -12.52 -35.34
CA PHE B 374 17.92 -13.66 -35.66
C PHE B 374 17.63 -14.03 -37.12
#